data_8ZL9
#
_entry.id   8ZL9
#
loop_
_entity.id
_entity.type
_entity.pdbx_description
1 polymer 'G6 Heavy chain'
2 polymer 'G6 Light chain'
3 polymer B646L
#
loop_
_entity_poly.entity_id
_entity_poly.type
_entity_poly.pdbx_seq_one_letter_code
_entity_poly.pdbx_strand_id
1 'polypeptide(L)'
;EVKLVESGGGLVQPGGSLTLSCVGSGYTFSSYPICWVRQAPGKGLEWLSCIDSSGSKMHLADSVLSRFTISKDNSQNTAY
LQMNSLRTEDTARYYCARGRWCYGVICDMDLWGPGVEVVVSS
;
A
2 'polypeptide(L)'
;IVLTQTPLSLSVSPGEPASISCRSSQSLEEYGKNWLSWYQQKPGQSPRLLIYQATNRASWVPERFSGSGSGTDFTLKISR
VEAEDAGVYYCQQYKEFPWTFGQGTKLELK
;
B
3 'polypeptide(L)'
;MHHHHHHHHHHGSDYKDHDGDYKDHDIDYKDDDDKELENLYFQGAGSMASGGAFCLIANDGKADKIILAQDLLNSRISNI
KNVNKSYGKPDPEPTLSQIEETHLVHFNAHFKPYVPVGFEYNKVRPHTGTPTLGNKLTFGIPQYGDFFHDMVGHHILGAC
HSSWQDAPIQGTSQMGAHGQLQTFPRNGYDWDNQTPLEGAVYTLVDPFGRPIVPGTKNAYRNLVYYCEYPGERLYENVRF
DVNGNSLDEYSSDVTTLVRKFCIPGDKMTGYKHLVGQEVSVEGTSGPLLCNIHDLHKPHQSKPILTDENDTQRTCSHTNP
KFLSQHFPENSHNIQTAGKQDITPITDATYLDIRRNVHYSCNGPQTPKYYQPPLALWIKLRFWFNENVNLAIPSVSIPFG
ERFITIKLASQKDLVNEFPGLFVRQSRFIAGRPSRRNIRFKPWFIPGVINEISLTNNELYINNLFVTPEIHNLFVKRVRF
SLIRVHKTQVTHTNNNHHDEKLMSALKWPIEYMFIGLKPTWNISDQNPHQHRDWHKFGHVVNAIMQPTHHAEISFQDRDT
ALPDACSSISDISPVTYPITLPIIKNISVTAHGINLIDKFPSKFCSSYIPFHYGGNAIKTPDDPGAMMITFALKPREEYQ
PSGHINVSRAREFYISWDTDYVGSITTADLVVSASAINFLLLQNGSAVLRYST
;
C,D,E
#
# COMPACT_ATOMS: atom_id res chain seq x y z
N GLU A 1 -1.90 13.36 -25.24
CA GLU A 1 -0.72 13.82 -24.53
C GLU A 1 -1.11 14.53 -23.24
N VAL A 2 -0.37 14.25 -22.17
CA VAL A 2 -0.60 14.86 -20.86
C VAL A 2 0.59 15.77 -20.54
N LYS A 3 0.28 16.99 -20.10
CA LYS A 3 1.28 18.04 -19.96
C LYS A 3 1.00 18.85 -18.70
N LEU A 4 2.06 19.23 -18.00
CA LEU A 4 1.93 20.19 -16.91
C LEU A 4 1.54 21.55 -17.48
N VAL A 5 0.59 22.21 -16.83
CA VAL A 5 0.10 23.51 -17.27
C VAL A 5 0.59 24.54 -16.25
N GLU A 6 1.55 25.34 -16.65
CA GLU A 6 2.22 26.29 -15.77
C GLU A 6 2.14 27.69 -16.37
N SER A 7 1.64 28.64 -15.59
CA SER A 7 1.58 30.04 -16.00
C SER A 7 1.49 30.90 -14.74
N GLY A 8 1.13 32.17 -14.93
CA GLY A 8 0.94 33.08 -13.82
C GLY A 8 2.17 33.85 -13.39
N GLY A 9 3.32 33.63 -14.03
CA GLY A 9 4.53 34.34 -13.69
C GLY A 9 4.66 35.65 -14.45
N GLY A 10 5.72 36.39 -14.13
CA GLY A 10 5.98 37.65 -14.78
C GLY A 10 7.00 38.46 -14.01
N LEU A 11 7.10 39.73 -14.39
CA LEU A 11 8.02 40.66 -13.75
C LEU A 11 7.31 41.34 -12.59
N VAL A 12 7.76 41.10 -11.37
CA VAL A 12 7.17 41.65 -10.16
C VAL A 12 8.25 42.42 -9.42
N GLN A 13 7.91 43.64 -9.00
CA GLN A 13 8.81 44.48 -8.23
C GLN A 13 9.12 43.84 -6.89
N PRO A 14 10.31 44.08 -6.33
CA PRO A 14 10.67 43.46 -5.05
C PRO A 14 9.77 43.93 -3.90
N GLY A 15 9.54 43.02 -2.96
CA GLY A 15 8.59 43.24 -1.89
C GLY A 15 7.15 42.98 -2.27
N GLY A 16 6.88 42.55 -3.50
CA GLY A 16 5.53 42.36 -3.98
C GLY A 16 5.01 40.96 -3.72
N SER A 17 3.87 40.66 -4.34
CA SER A 17 3.19 39.39 -4.17
C SER A 17 2.73 38.87 -5.53
N LEU A 18 3.03 37.60 -5.81
CA LEU A 18 2.63 36.96 -7.05
C LEU A 18 2.17 35.54 -6.73
N THR A 19 1.23 35.03 -7.52
CA THR A 19 0.66 33.71 -7.33
C THR A 19 0.78 32.93 -8.64
N LEU A 20 1.37 31.75 -8.58
CA LEU A 20 1.64 30.91 -9.74
C LEU A 20 0.63 29.77 -9.82
N SER A 21 0.88 28.82 -10.73
CA SER A 21 -0.02 27.70 -10.94
C SER A 21 0.72 26.51 -11.52
N CYS A 22 0.58 25.35 -10.87
CA CYS A 22 0.93 24.05 -11.43
C CYS A 22 -0.36 23.27 -11.62
N VAL A 23 -0.82 23.16 -12.86
CA VAL A 23 -2.06 22.47 -13.18
C VAL A 23 -1.72 21.19 -13.94
N GLY A 24 -2.19 20.05 -13.41
CA GLY A 24 -2.03 18.78 -14.05
C GLY A 24 -3.34 18.28 -14.64
N SER A 25 -3.27 17.11 -15.26
CA SER A 25 -4.44 16.51 -15.87
C SER A 25 -4.31 14.98 -15.85
N GLY A 26 -5.47 14.32 -15.92
CA GLY A 26 -5.49 12.87 -15.98
C GLY A 26 -5.38 12.17 -14.65
N TYR A 27 -5.74 12.83 -13.55
CA TYR A 27 -5.66 12.21 -12.24
C TYR A 27 -6.59 12.95 -11.27
N THR A 28 -7.10 12.21 -10.29
CA THR A 28 -7.88 12.80 -9.21
C THR A 28 -6.92 13.36 -8.18
N PHE A 29 -7.11 14.63 -7.83
CA PHE A 29 -6.18 15.41 -7.02
C PHE A 29 -6.69 15.49 -5.56
N SER A 30 -7.18 14.35 -5.06
CA SER A 30 -7.93 14.32 -3.81
C SER A 30 -7.08 14.73 -2.60
N SER A 31 -5.86 14.20 -2.48
CA SER A 31 -5.01 14.48 -1.32
C SER A 31 -3.56 14.64 -1.74
N TYR A 32 -3.32 15.32 -2.84
CA TYR A 32 -2.03 15.20 -3.50
C TYR A 32 -1.14 16.43 -3.29
N PRO A 33 0.15 16.22 -3.02
CA PRO A 33 1.12 17.31 -2.86
C PRO A 33 1.30 18.13 -4.13
N ILE A 34 1.90 19.33 -3.97
CA ILE A 34 2.45 20.19 -5.03
C ILE A 34 3.58 21.03 -4.44
N CYS A 35 4.74 21.07 -5.11
CA CYS A 35 5.64 22.23 -5.08
C CYS A 35 6.43 22.38 -6.36
N TRP A 36 7.44 23.24 -6.26
CA TRP A 36 8.21 23.71 -7.38
C TRP A 36 9.67 23.30 -7.17
N VAL A 37 10.48 23.47 -8.20
CA VAL A 37 11.92 23.26 -8.10
C VAL A 37 12.61 24.50 -8.63
N ARG A 38 13.50 25.08 -7.84
CA ARG A 38 14.17 26.28 -8.33
C ARG A 38 15.38 25.91 -9.18
N GLN A 39 15.76 26.84 -10.04
CA GLN A 39 17.00 26.72 -10.82
C GLN A 39 17.39 28.15 -11.19
N ALA A 40 18.35 28.72 -10.47
CA ALA A 40 18.90 29.99 -10.87
C ALA A 40 19.59 29.83 -12.23
N PRO A 41 19.47 30.81 -13.12
CA PRO A 41 20.03 30.66 -14.48
C PRO A 41 21.55 30.55 -14.46
N GLY A 42 22.04 29.43 -14.97
CA GLY A 42 23.47 29.16 -14.93
C GLY A 42 23.97 28.72 -13.57
N LYS A 43 23.15 28.04 -12.78
CA LYS A 43 23.50 27.65 -11.43
C LYS A 43 22.85 26.31 -11.13
N GLY A 44 23.40 25.59 -10.15
CA GLY A 44 22.87 24.30 -9.77
C GLY A 44 21.51 24.39 -9.13
N LEU A 45 20.78 23.27 -9.21
CA LEU A 45 19.39 23.21 -8.79
C LEU A 45 19.28 23.27 -7.27
N GLU A 46 18.06 23.53 -6.79
CA GLU A 46 17.77 23.65 -5.36
C GLU A 46 16.26 23.63 -5.19
N TRP A 47 15.81 23.60 -3.93
CA TRP A 47 14.40 23.54 -3.57
C TRP A 47 14.00 24.80 -2.81
N LEU A 48 12.73 25.19 -2.92
CA LEU A 48 12.34 26.47 -2.33
C LEU A 48 11.49 26.38 -1.07
N SER A 49 10.26 25.90 -1.18
CA SER A 49 9.30 26.22 -0.11
C SER A 49 8.03 25.37 -0.14
N CYS A 50 7.76 24.59 0.92
CA CYS A 50 6.54 23.80 0.97
C CYS A 50 5.95 23.73 2.37
N ILE A 51 4.70 23.24 2.41
CA ILE A 51 3.95 22.83 3.58
C ILE A 51 3.74 21.32 3.43
N ASP A 52 3.08 20.68 4.39
CA ASP A 52 2.89 19.23 4.24
C ASP A 52 1.74 18.93 3.28
N SER A 53 1.49 17.62 3.11
CA SER A 53 0.60 17.13 2.05
C SER A 53 -0.83 17.63 2.25
N SER A 54 -1.33 17.58 3.47
CA SER A 54 -2.59 18.23 3.80
C SER A 54 -2.37 19.57 4.47
N GLY A 55 -1.11 19.98 4.65
CA GLY A 55 -0.79 21.28 5.22
C GLY A 55 -0.41 21.32 6.67
N SER A 56 0.17 20.23 7.21
CA SER A 56 0.49 20.18 8.63
C SER A 56 1.85 20.80 8.95
N LYS A 57 2.93 20.20 8.44
CA LYS A 57 4.27 20.67 8.74
C LYS A 57 4.65 21.80 7.79
N MET A 58 5.03 22.95 8.36
CA MET A 58 5.44 24.11 7.58
C MET A 58 6.96 24.26 7.79
N HIS A 59 7.73 23.58 6.95
CA HIS A 59 9.18 23.66 6.96
C HIS A 59 9.69 24.15 5.62
N LEU A 60 10.68 25.04 5.67
CA LEU A 60 11.18 25.75 4.51
C LEU A 60 12.68 25.50 4.43
N ALA A 61 13.34 26.15 3.47
CA ALA A 61 14.79 26.06 3.39
C ALA A 61 15.41 27.15 4.28
N ASP A 62 16.74 27.24 4.26
CA ASP A 62 17.45 28.11 5.20
C ASP A 62 17.28 29.59 4.85
N SER A 63 17.34 29.93 3.57
CA SER A 63 17.32 31.33 3.15
C SER A 63 15.93 31.86 2.88
N VAL A 64 14.89 31.03 2.99
CA VAL A 64 13.54 31.40 2.59
C VAL A 64 12.56 31.05 3.69
N LEU A 65 13.04 31.01 4.94
CA LEU A 65 12.29 30.41 6.03
C LEU A 65 11.08 31.23 6.48
N SER A 66 10.92 32.48 6.00
CA SER A 66 9.80 33.28 6.48
C SER A 66 9.18 34.16 5.39
N ARG A 67 9.17 33.70 4.13
CA ARG A 67 8.72 34.55 3.03
C ARG A 67 7.74 33.92 2.06
N PHE A 68 7.31 32.68 2.27
CA PHE A 68 6.56 31.95 1.25
C PHE A 68 5.40 31.17 1.86
N THR A 69 4.22 31.32 1.25
CA THR A 69 3.01 30.62 1.64
C THR A 69 2.52 29.81 0.44
N ILE A 70 2.19 28.54 0.69
CA ILE A 70 1.89 27.58 -0.38
C ILE A 70 0.48 27.07 -0.20
N SER A 71 -0.33 27.22 -1.22
CA SER A 71 -1.73 26.83 -1.18
C SER A 71 -2.10 26.09 -2.46
N LYS A 72 -3.07 25.20 -2.35
CA LYS A 72 -3.58 24.44 -3.49
C LYS A 72 -5.09 24.37 -3.37
N ASP A 73 -5.71 23.54 -4.20
CA ASP A 73 -7.14 23.26 -4.13
C ASP A 73 -7.36 21.85 -4.63
N ASN A 74 -8.00 21.01 -3.80
CA ASN A 74 -8.14 19.60 -4.10
C ASN A 74 -9.16 19.31 -5.19
N SER A 75 -9.96 20.30 -5.58
CA SER A 75 -11.01 20.08 -6.57
C SER A 75 -10.59 20.49 -7.97
N GLN A 76 -10.15 21.74 -8.14
CA GLN A 76 -9.84 22.27 -9.47
C GLN A 76 -8.49 21.82 -10.00
N ASN A 77 -7.64 21.22 -9.15
CA ASN A 77 -6.31 20.72 -9.51
C ASN A 77 -5.46 21.86 -10.08
N THR A 78 -5.46 22.98 -9.35
CA THR A 78 -4.68 24.16 -9.72
C THR A 78 -3.86 24.58 -8.51
N ALA A 79 -2.54 24.64 -8.67
CA ALA A 79 -1.66 25.00 -7.58
C ALA A 79 -1.50 26.51 -7.47
N TYR A 80 -0.88 26.93 -6.37
CA TYR A 80 -0.61 28.34 -6.11
C TYR A 80 0.69 28.46 -5.34
N LEU A 81 1.59 29.31 -5.82
CA LEU A 81 2.81 29.69 -5.10
C LEU A 81 2.70 31.17 -4.78
N GLN A 82 2.29 31.49 -3.56
CA GLN A 82 2.12 32.87 -3.13
C GLN A 82 3.34 33.33 -2.35
N MET A 83 4.02 34.36 -2.84
CA MET A 83 5.22 34.85 -2.17
C MET A 83 4.99 36.23 -1.56
N ASN A 84 5.78 36.53 -0.55
CA ASN A 84 5.75 37.82 0.13
C ASN A 84 7.17 38.23 0.45
N SER A 85 7.40 39.54 0.49
CA SER A 85 8.71 40.16 0.72
C SER A 85 9.72 39.66 -0.31
N LEU A 86 9.44 39.98 -1.58
CA LEU A 86 10.26 39.51 -2.69
C LEU A 86 11.64 40.16 -2.67
N ARG A 87 12.66 39.35 -2.96
CA ARG A 87 14.05 39.79 -3.00
C ARG A 87 14.69 39.36 -4.32
N THR A 88 15.95 39.74 -4.50
CA THR A 88 16.68 39.47 -5.74
C THR A 88 17.06 38.00 -5.87
N GLU A 89 17.16 37.28 -4.74
CA GLU A 89 17.78 35.95 -4.74
C GLU A 89 16.95 34.92 -5.50
N ASP A 90 15.63 34.91 -5.31
CA ASP A 90 14.80 33.79 -5.72
C ASP A 90 14.25 33.92 -7.14
N THR A 91 14.88 34.72 -8.00
CA THR A 91 14.50 34.72 -9.41
C THR A 91 15.01 33.45 -10.08
N ALA A 92 14.06 32.58 -10.45
CA ALA A 92 14.42 31.29 -11.03
C ALA A 92 13.24 30.73 -11.81
N ARG A 93 13.55 29.77 -12.68
CA ARG A 93 12.54 29.01 -13.39
C ARG A 93 12.09 27.85 -12.51
N TYR A 94 10.78 27.73 -12.29
CA TYR A 94 10.25 26.81 -11.30
C TYR A 94 9.61 25.61 -11.99
N TYR A 95 9.95 24.41 -11.52
CA TYR A 95 9.56 23.17 -12.17
C TYR A 95 8.69 22.36 -11.22
N CYS A 96 7.54 21.91 -11.70
CA CYS A 96 6.57 21.16 -10.91
C CYS A 96 6.75 19.68 -11.21
N ALA A 97 7.21 18.92 -10.20
CA ALA A 97 7.69 17.56 -10.37
C ALA A 97 6.83 16.59 -9.59
N ARG A 98 7.05 15.29 -9.81
CA ARG A 98 6.30 14.23 -9.12
C ARG A 98 7.16 13.41 -8.17
N GLY A 99 6.67 13.22 -6.95
CA GLY A 99 7.40 12.42 -5.95
C GLY A 99 6.52 11.46 -5.18
N ARG A 100 7.00 10.24 -4.93
CA ARG A 100 6.18 9.21 -4.27
C ARG A 100 7.06 8.26 -3.48
N TRP A 101 6.42 7.19 -3.01
CA TRP A 101 7.08 6.09 -2.35
C TRP A 101 6.77 4.75 -3.05
N CYS A 102 7.79 3.88 -3.09
CA CYS A 102 7.63 2.48 -3.50
C CYS A 102 8.00 1.64 -2.30
N TYR A 103 7.06 1.47 -1.39
CA TYR A 103 7.29 0.96 -0.04
C TYR A 103 8.43 1.66 0.69
N GLY A 104 8.61 2.98 0.44
CA GLY A 104 9.37 3.80 1.37
C GLY A 104 10.65 4.47 0.93
N VAL A 105 10.91 4.52 -0.38
CA VAL A 105 12.06 5.26 -0.90
C VAL A 105 11.55 6.14 -2.03
N ILE A 106 12.45 6.87 -2.67
CA ILE A 106 12.06 7.80 -3.72
C ILE A 106 12.22 7.13 -5.07
N CYS A 107 11.13 7.13 -5.84
CA CYS A 107 11.06 6.47 -7.12
C CYS A 107 10.84 7.40 -8.30
N ASP A 108 10.70 8.70 -8.06
CA ASP A 108 10.36 9.61 -9.15
C ASP A 108 10.76 11.03 -8.82
N MET A 109 11.24 11.74 -9.83
CA MET A 109 11.08 13.19 -9.92
C MET A 109 10.70 13.40 -11.38
N ASP A 110 9.46 13.06 -11.72
CA ASP A 110 9.18 12.28 -12.92
C ASP A 110 9.34 13.07 -14.21
N LEU A 111 8.50 14.07 -14.42
CA LEU A 111 8.54 14.90 -15.61
C LEU A 111 8.47 16.34 -15.16
N TRP A 112 9.38 17.16 -15.67
CA TRP A 112 9.44 18.56 -15.26
C TRP A 112 8.71 19.39 -16.31
N GLY A 113 7.84 20.28 -15.84
CA GLY A 113 6.91 20.99 -16.69
C GLY A 113 7.56 22.03 -17.57
N PRO A 114 6.73 22.91 -18.16
CA PRO A 114 7.27 23.89 -19.12
C PRO A 114 8.13 24.96 -18.47
N GLY A 115 7.73 25.47 -17.33
CA GLY A 115 8.53 26.48 -16.64
C GLY A 115 8.14 27.89 -17.01
N VAL A 116 7.60 28.65 -16.06
CA VAL A 116 7.32 30.07 -16.26
C VAL A 116 8.44 30.85 -15.62
N GLU A 117 8.78 31.99 -16.20
CA GLU A 117 9.95 32.75 -15.77
C GLU A 117 9.52 33.88 -14.86
N VAL A 118 10.22 34.03 -13.73
CA VAL A 118 10.01 35.13 -12.80
C VAL A 118 11.34 35.88 -12.73
N VAL A 119 11.49 36.91 -13.57
CA VAL A 119 12.68 37.74 -13.59
C VAL A 119 12.37 39.04 -12.86
N VAL A 120 13.13 39.31 -11.80
CA VAL A 120 12.83 40.43 -10.91
C VAL A 120 14.01 41.39 -10.87
N SER A 121 13.70 42.65 -10.63
CA SER A 121 14.70 43.71 -10.48
C SER A 121 14.03 44.89 -9.78
N SER A 122 14.84 45.67 -9.07
CA SER A 122 14.32 46.83 -8.34
C SER A 122 13.96 47.96 -9.31
N ILE B 1 25.39 18.03 5.08
CA ILE B 1 25.76 17.08 4.03
C ILE B 1 25.93 17.81 2.71
N VAL B 2 27.13 17.70 2.13
CA VAL B 2 27.40 18.18 0.79
C VAL B 2 27.91 17.00 -0.05
N LEU B 3 27.34 16.84 -1.23
CA LEU B 3 27.73 15.75 -2.11
C LEU B 3 28.96 16.15 -2.90
N THR B 4 29.82 15.17 -3.19
CA THR B 4 31.03 15.40 -3.97
C THR B 4 30.89 14.64 -5.29
N GLN B 5 30.61 15.37 -6.36
CA GLN B 5 30.45 14.80 -7.68
C GLN B 5 31.73 15.03 -8.47
N THR B 6 32.28 13.95 -9.04
CA THR B 6 33.57 14.04 -9.70
C THR B 6 33.69 12.96 -10.76
N PRO B 7 34.35 13.26 -11.90
CA PRO B 7 34.85 14.58 -12.31
C PRO B 7 33.74 15.42 -12.95
N LEU B 8 33.99 16.72 -13.14
CA LEU B 8 32.98 17.58 -13.73
C LEU B 8 32.80 17.30 -15.23
N SER B 9 33.89 17.07 -15.94
CA SER B 9 33.87 16.84 -17.37
C SER B 9 34.17 15.38 -17.68
N LEU B 10 33.34 14.77 -18.52
CA LEU B 10 33.51 13.38 -18.93
C LEU B 10 33.58 13.33 -20.45
N SER B 11 34.69 12.81 -20.97
CA SER B 11 34.84 12.55 -22.40
C SER B 11 34.39 11.11 -22.66
N VAL B 12 33.26 10.95 -23.34
CA VAL B 12 32.64 9.65 -23.54
C VAL B 12 32.69 9.33 -25.02
N SER B 13 33.46 8.31 -25.38
CA SER B 13 33.43 7.76 -26.73
C SER B 13 32.08 7.07 -26.96
N PRO B 14 31.53 7.14 -28.17
CA PRO B 14 30.23 6.49 -28.42
C PRO B 14 30.37 4.97 -28.44
N GLY B 15 29.65 4.30 -27.53
CA GLY B 15 29.69 2.87 -27.37
C GLY B 15 30.42 2.42 -26.11
N GLU B 16 31.44 3.16 -25.70
CA GLU B 16 32.25 2.79 -24.55
C GLU B 16 31.53 3.11 -23.23
N PRO B 17 31.75 2.30 -22.20
CA PRO B 17 31.15 2.60 -20.89
C PRO B 17 31.79 3.83 -20.24
N ALA B 18 31.00 4.46 -19.38
CA ALA B 18 31.44 5.65 -18.64
C ALA B 18 31.19 5.43 -17.15
N SER B 19 32.16 5.82 -16.32
CA SER B 19 32.09 5.67 -14.88
C SER B 19 32.19 7.04 -14.22
N ILE B 20 31.23 7.37 -13.36
CA ILE B 20 31.20 8.64 -12.66
C ILE B 20 30.97 8.34 -11.17
N SER B 21 31.77 8.96 -10.32
CA SER B 21 31.73 8.71 -8.88
C SER B 21 31.13 9.91 -8.16
N CYS B 22 30.03 9.68 -7.45
CA CYS B 22 29.44 10.65 -6.53
C CYS B 22 29.58 10.09 -5.11
N ARG B 23 30.49 10.68 -4.34
CA ARG B 23 30.81 10.23 -2.99
C ARG B 23 30.22 11.20 -1.97
N SER B 24 29.55 10.66 -0.97
CA SER B 24 28.94 11.48 0.07
C SER B 24 29.91 11.71 1.22
N SER B 25 29.91 12.92 1.75
CA SER B 25 30.73 13.26 2.90
C SER B 25 30.18 12.67 4.20
N GLN B 26 28.94 12.19 4.20
CA GLN B 26 28.34 11.56 5.35
C GLN B 26 27.86 10.17 4.96
N SER B 27 27.77 9.29 5.96
CA SER B 27 27.35 7.91 5.71
C SER B 27 25.90 7.88 5.24
N LEU B 28 25.68 7.19 4.11
CA LEU B 28 24.35 6.98 3.56
C LEU B 28 23.75 5.67 4.01
N GLU B 29 24.11 5.21 5.20
CA GLU B 29 23.65 3.97 5.89
C GLU B 29 24.21 2.76 5.14
N GLU B 30 23.50 1.63 5.14
CA GLU B 30 24.08 0.31 4.96
C GLU B 30 23.38 -0.45 3.82
N TYR B 31 23.64 -1.78 3.80
CA TYR B 31 23.32 -2.64 2.66
C TYR B 31 21.84 -2.64 2.32
N GLY B 32 20.98 -2.33 3.27
CA GLY B 32 19.59 -2.09 2.93
C GLY B 32 19.38 -0.75 2.26
N LYS B 33 19.82 0.32 2.90
CA LYS B 33 19.30 1.64 2.56
C LYS B 33 20.42 2.64 2.29
N ASN B 34 21.36 2.27 1.43
CA ASN B 34 22.23 3.26 0.78
C ASN B 34 21.45 3.91 -0.36
N TRP B 35 21.14 5.21 -0.19
CA TRP B 35 20.25 5.95 -1.09
C TRP B 35 21.06 6.95 -1.90
N LEU B 36 20.62 7.20 -3.15
CA LEU B 36 21.11 8.28 -3.99
C LEU B 36 20.19 8.35 -5.21
N SER B 37 20.30 9.41 -5.99
CA SER B 37 19.54 9.51 -7.23
C SER B 37 20.38 10.25 -8.28
N TRP B 38 20.02 10.03 -9.56
CA TRP B 38 20.75 10.60 -10.69
C TRP B 38 19.75 11.20 -11.67
N TYR B 39 19.83 12.52 -11.88
CA TYR B 39 19.02 13.21 -12.88
C TYR B 39 19.91 13.82 -13.95
N GLN B 40 19.35 14.05 -15.13
CA GLN B 40 20.14 14.41 -16.30
C GLN B 40 19.51 15.58 -17.03
N GLN B 41 20.33 16.56 -17.41
CA GLN B 41 19.90 17.67 -18.26
C GLN B 41 19.83 17.24 -19.72
N LYS B 42 18.78 17.68 -20.40
CA LYS B 42 18.86 17.78 -21.85
C LYS B 42 18.69 19.23 -22.24
N PRO B 43 19.72 19.85 -22.84
CA PRO B 43 19.70 21.31 -23.04
C PRO B 43 18.64 21.73 -24.04
N GLY B 44 17.89 22.77 -23.67
CA GLY B 44 16.76 23.23 -24.44
C GLY B 44 15.43 22.64 -24.05
N GLN B 45 15.42 21.57 -23.26
CA GLN B 45 14.21 20.91 -22.77
C GLN B 45 14.26 20.86 -21.25
N SER B 46 13.25 20.21 -20.67
CA SER B 46 13.30 19.97 -19.24
C SER B 46 14.32 18.88 -18.94
N PRO B 47 15.06 19.00 -17.83
CA PRO B 47 15.97 17.92 -17.43
C PRO B 47 15.21 16.66 -17.03
N ARG B 48 15.82 15.51 -17.32
CA ARG B 48 15.11 14.23 -17.18
C ARG B 48 15.92 13.20 -16.40
N LEU B 49 15.46 11.95 -16.42
CA LEU B 49 15.90 10.91 -15.50
C LEU B 49 16.49 9.74 -16.27
N LEU B 50 17.61 9.21 -15.77
CA LEU B 50 18.31 8.16 -16.49
C LEU B 50 18.74 7.00 -15.59
N ILE B 51 19.22 7.28 -14.37
CA ILE B 51 19.67 6.25 -13.45
C ILE B 51 19.11 6.54 -12.06
N TYR B 52 18.74 5.49 -11.33
CA TYR B 52 18.44 5.59 -9.91
C TYR B 52 19.56 4.93 -9.12
N GLN B 53 20.02 5.61 -8.07
CA GLN B 53 20.96 5.15 -7.03
C GLN B 53 22.24 4.52 -7.57
N ALA B 54 22.57 4.82 -8.83
CA ALA B 54 23.73 4.24 -9.52
C ALA B 54 23.71 2.72 -9.52
N THR B 55 22.52 2.13 -9.64
CA THR B 55 22.40 0.69 -9.87
C THR B 55 21.65 0.35 -11.15
N ASN B 56 20.42 0.83 -11.30
CA ASN B 56 19.53 0.36 -12.35
C ASN B 56 19.04 1.53 -13.19
N ARG B 57 18.50 1.20 -14.36
CA ARG B 57 18.01 2.22 -15.27
C ARG B 57 16.71 2.83 -14.75
N ALA B 58 16.72 4.15 -14.57
CA ALA B 58 15.57 4.85 -14.02
C ALA B 58 14.40 4.86 -14.99
N SER B 59 14.62 5.27 -16.23
CA SER B 59 13.54 5.31 -17.20
C SER B 59 13.33 3.93 -17.82
N TRP B 60 12.18 3.77 -18.48
CA TRP B 60 11.86 2.53 -19.17
C TRP B 60 12.46 2.46 -20.56
N VAL B 61 13.42 3.33 -20.87
CA VAL B 61 14.22 3.28 -22.10
C VAL B 61 15.13 2.05 -22.02
N PRO B 62 15.61 1.49 -23.17
CA PRO B 62 16.15 0.11 -23.17
C PRO B 62 17.37 -0.20 -22.29
N GLU B 63 17.75 -1.48 -22.35
CA GLU B 63 18.66 -2.18 -21.43
C GLU B 63 20.09 -1.64 -21.44
N ARG B 64 20.40 -0.64 -22.24
CA ARG B 64 21.77 -0.12 -22.40
C ARG B 64 22.37 0.55 -21.12
N PHE B 65 21.78 0.46 -19.93
CA PHE B 65 22.23 1.16 -18.74
C PHE B 65 22.72 0.15 -17.71
N SER B 66 23.41 0.65 -16.69
CA SER B 66 24.00 -0.23 -15.67
C SER B 66 24.20 0.59 -14.39
N GLY B 67 24.98 0.04 -13.47
CA GLY B 67 25.35 0.76 -12.26
C GLY B 67 25.69 -0.21 -11.14
N SER B 68 26.46 0.31 -10.17
CA SER B 68 26.91 -0.45 -9.01
C SER B 68 27.36 0.52 -7.92
N GLY B 69 27.91 -0.03 -6.84
CA GLY B 69 28.41 0.76 -5.74
C GLY B 69 27.48 0.71 -4.54
N SER B 70 28.04 1.05 -3.37
CA SER B 70 27.30 1.10 -2.12
C SER B 70 28.13 1.87 -1.10
N GLY B 71 27.56 2.02 0.10
CA GLY B 71 28.24 2.67 1.20
C GLY B 71 28.42 4.17 1.00
N THR B 72 29.68 4.59 0.78
CA THR B 72 29.99 5.99 0.58
C THR B 72 30.47 6.32 -0.83
N ASP B 73 30.91 5.33 -1.60
CA ASP B 73 31.35 5.54 -2.97
C ASP B 73 30.33 4.91 -3.92
N PHE B 74 29.85 5.69 -4.88
CA PHE B 74 28.78 5.28 -5.77
C PHE B 74 29.25 5.40 -7.21
N THR B 75 29.07 4.34 -7.98
CA THR B 75 29.61 4.26 -9.33
C THR B 75 28.47 4.32 -10.35
N LEU B 76 28.50 5.34 -11.20
CA LEU B 76 27.49 5.55 -12.24
C LEU B 76 27.99 4.93 -13.53
N LYS B 77 27.38 3.83 -13.95
CA LYS B 77 27.83 3.07 -15.10
C LYS B 77 26.77 3.04 -16.18
N ILE B 78 27.21 3.08 -17.43
CA ILE B 78 26.35 2.91 -18.59
C ILE B 78 27.00 1.89 -19.51
N SER B 79 26.21 0.95 -20.03
CA SER B 79 26.80 -0.10 -20.87
C SER B 79 27.15 0.44 -22.25
N ARG B 80 26.22 1.16 -22.87
CA ARG B 80 26.42 1.66 -24.23
C ARG B 80 25.57 2.90 -24.40
N VAL B 81 26.23 4.01 -24.76
CA VAL B 81 25.61 5.34 -24.75
C VAL B 81 24.82 5.59 -26.03
N GLU B 82 24.02 6.65 -26.04
CA GLU B 82 23.35 7.15 -27.22
C GLU B 82 23.75 8.61 -27.46
N ALA B 83 23.22 9.19 -28.53
CA ALA B 83 23.48 10.60 -28.82
C ALA B 83 22.69 11.51 -27.88
N GLU B 84 21.57 11.03 -27.35
CA GLU B 84 20.73 11.83 -26.46
C GLU B 84 21.18 11.78 -25.01
N ASP B 85 22.30 11.10 -24.72
CA ASP B 85 22.81 10.98 -23.36
C ASP B 85 23.71 12.14 -22.97
N ALA B 86 23.88 13.14 -23.83
CA ALA B 86 24.63 14.32 -23.47
C ALA B 86 23.83 15.22 -22.53
N GLY B 87 24.52 16.17 -21.92
CA GLY B 87 23.97 17.09 -20.95
C GLY B 87 24.82 17.10 -19.69
N VAL B 88 24.27 17.62 -18.61
CA VAL B 88 24.92 17.57 -17.30
C VAL B 88 24.09 16.68 -16.37
N TYR B 89 24.78 15.85 -15.59
CA TYR B 89 24.17 14.81 -14.78
C TYR B 89 24.26 15.17 -13.30
N TYR B 90 23.13 15.14 -12.62
CA TYR B 90 23.02 15.61 -11.24
C TYR B 90 22.88 14.40 -10.31
N CYS B 91 23.87 14.16 -9.47
CA CYS B 91 23.73 13.19 -8.40
C CYS B 91 23.05 13.87 -7.21
N GLN B 92 21.99 13.24 -6.71
CA GLN B 92 21.07 13.90 -5.79
C GLN B 92 20.64 12.93 -4.70
N GLN B 93 20.43 13.46 -3.51
CA GLN B 93 19.74 12.74 -2.45
C GLN B 93 19.09 13.74 -1.51
N TYR B 94 17.88 13.41 -1.06
CA TYR B 94 17.23 14.09 0.07
C TYR B 94 16.69 13.02 1.02
N LYS B 95 17.56 12.54 1.89
CA LYS B 95 17.22 11.53 2.88
C LYS B 95 17.48 12.00 4.30
N GLU B 96 17.61 13.31 4.51
CA GLU B 96 17.89 13.90 5.80
C GLU B 96 17.36 15.33 5.83
N PHE B 97 17.19 15.85 7.03
CA PHE B 97 16.67 17.21 7.16
C PHE B 97 17.83 18.19 7.31
N PRO B 98 17.68 19.48 6.92
CA PRO B 98 16.52 20.13 6.27
C PRO B 98 16.49 20.06 4.74
N TRP B 99 17.64 20.18 4.08
CA TRP B 99 17.74 20.05 2.63
C TRP B 99 19.20 19.94 2.20
N THR B 100 19.45 19.10 1.20
CA THR B 100 20.74 19.00 0.52
C THR B 100 20.51 18.94 -0.98
N PHE B 101 21.52 19.30 -1.77
CA PHE B 101 21.52 19.00 -3.19
C PHE B 101 22.97 18.80 -3.65
N GLY B 102 23.16 18.24 -4.83
CA GLY B 102 24.50 18.01 -5.34
C GLY B 102 24.96 19.06 -6.34
N GLN B 103 26.07 18.78 -7.03
CA GLN B 103 26.66 19.74 -7.95
C GLN B 103 26.23 19.51 -9.39
N GLY B 104 26.52 18.34 -9.94
CA GLY B 104 26.29 18.07 -11.35
C GLY B 104 27.57 17.76 -12.10
N THR B 105 27.50 16.90 -13.10
CA THR B 105 28.66 16.60 -13.93
C THR B 105 28.23 16.46 -15.39
N LYS B 106 29.13 16.83 -16.30
CA LYS B 106 28.81 16.98 -17.70
C LYS B 106 29.29 15.77 -18.51
N LEU B 107 28.51 15.41 -19.53
CA LEU B 107 28.87 14.36 -20.46
C LEU B 107 29.16 14.96 -21.83
N GLU B 108 30.26 14.53 -22.44
CA GLU B 108 30.67 14.96 -23.76
C GLU B 108 30.83 13.75 -24.66
N LEU B 109 30.23 13.82 -25.85
CA LEU B 109 30.35 12.74 -26.82
C LEU B 109 31.55 12.96 -27.74
N LYS B 110 32.10 11.87 -28.24
CA LYS B 110 33.26 11.93 -29.12
C LYS B 110 33.01 11.15 -30.41
N HIS C 161 2.86 -22.25 35.49
CA HIS C 161 3.82 -21.32 34.92
C HIS C 161 5.06 -22.09 34.50
N SER C 162 5.85 -21.48 33.63
CA SER C 162 6.96 -22.14 32.97
C SER C 162 8.29 -21.79 33.62
N SER C 163 9.22 -22.73 33.56
CA SER C 163 10.52 -22.59 34.20
C SER C 163 11.43 -21.67 33.39
N TRP C 164 12.45 -21.14 34.06
CA TRP C 164 13.42 -20.29 33.40
C TRP C 164 14.37 -21.10 32.54
N GLN C 165 14.77 -20.53 31.41
CA GLN C 165 15.72 -21.16 30.50
C GLN C 165 16.77 -20.14 30.08
N ASP C 166 18.01 -20.61 29.95
CA ASP C 166 19.09 -19.76 29.50
C ASP C 166 19.08 -19.64 27.98
N ALA C 167 19.81 -18.63 27.48
CA ALA C 167 19.87 -18.39 26.06
C ALA C 167 20.69 -19.46 25.36
N PRO C 168 20.42 -19.73 24.08
CA PRO C 168 21.25 -20.66 23.31
C PRO C 168 22.64 -20.13 23.00
N ILE C 169 23.41 -20.92 22.27
CA ILE C 169 24.81 -20.61 21.95
C ILE C 169 24.96 -20.65 20.44
N GLN C 170 25.74 -19.72 19.89
CA GLN C 170 25.99 -19.67 18.46
C GLN C 170 26.70 -20.92 17.97
N GLY C 171 26.33 -21.38 16.77
CA GLY C 171 26.97 -22.54 16.17
C GLY C 171 26.68 -23.85 16.85
N THR C 172 25.60 -23.92 17.63
CA THR C 172 25.29 -25.10 18.43
C THR C 172 24.01 -25.74 17.91
N SER C 173 24.03 -27.07 17.78
CA SER C 173 22.87 -27.83 17.34
C SER C 173 22.48 -28.82 18.43
N GLN C 174 21.18 -28.92 18.70
CA GLN C 174 20.65 -29.80 19.72
C GLN C 174 19.53 -30.65 19.14
N MET C 175 19.10 -31.64 19.93
CA MET C 175 18.01 -32.52 19.56
C MET C 175 16.89 -32.35 20.58
N GLY C 176 15.67 -32.15 20.08
CA GLY C 176 14.54 -31.96 20.96
C GLY C 176 13.47 -33.03 20.80
N ALA C 177 12.22 -32.65 20.98
CA ALA C 177 11.11 -33.59 20.84
C ALA C 177 10.83 -33.89 19.37
N HIS C 178 10.30 -35.08 19.12
CA HIS C 178 9.80 -35.52 17.81
C HIS C 178 10.89 -35.54 16.74
N GLY C 179 12.15 -35.71 17.15
CA GLY C 179 13.24 -35.96 16.22
C GLY C 179 13.56 -34.85 15.24
N GLN C 180 13.65 -33.62 15.73
CA GLN C 180 13.97 -32.47 14.88
C GLN C 180 15.26 -31.82 15.36
N LEU C 181 16.08 -31.37 14.40
CA LEU C 181 17.34 -30.72 14.71
C LEU C 181 17.07 -29.24 14.96
N GLN C 182 16.92 -28.87 16.23
CA GLN C 182 16.81 -27.47 16.60
C GLN C 182 18.20 -26.89 16.77
N THR C 183 18.42 -25.75 16.14
CA THR C 183 19.76 -25.16 16.13
C THR C 183 19.65 -23.66 15.89
N PHE C 184 20.72 -22.95 16.24
CA PHE C 184 20.84 -21.52 15.97
C PHE C 184 21.92 -21.37 14.91
N PRO C 185 21.55 -21.21 13.64
CA PRO C 185 22.55 -21.19 12.57
C PRO C 185 23.39 -19.92 12.58
N ARG C 186 24.51 -19.98 11.88
CA ARG C 186 25.46 -18.90 11.81
C ARG C 186 25.16 -18.00 10.60
N ASN C 187 25.90 -16.91 10.49
CA ASN C 187 25.80 -16.05 9.32
C ASN C 187 26.33 -16.75 8.08
N GLY C 188 25.71 -16.48 6.94
CA GLY C 188 26.12 -17.09 5.70
C GLY C 188 25.68 -18.53 5.51
N TYR C 189 24.90 -19.08 6.44
CA TYR C 189 24.42 -20.44 6.36
C TYR C 189 22.91 -20.48 6.50
N ASP C 190 22.33 -21.55 5.97
CA ASP C 190 20.88 -21.75 6.00
C ASP C 190 20.55 -22.46 7.31
N TRP C 191 19.32 -22.97 7.44
CA TRP C 191 18.86 -23.59 8.69
C TRP C 191 19.65 -24.84 9.04
N ASP C 192 20.15 -25.59 8.06
CA ASP C 192 20.85 -26.83 8.33
C ASP C 192 22.26 -26.62 8.89
N ASN C 193 22.77 -25.38 8.85
CA ASN C 193 24.15 -25.02 9.20
C ASN C 193 25.18 -25.74 8.34
N GLN C 194 24.79 -26.17 7.13
CA GLN C 194 25.75 -26.71 6.18
C GLN C 194 25.57 -26.06 4.81
N THR C 195 24.33 -25.69 4.47
CA THR C 195 24.06 -25.08 3.17
C THR C 195 24.38 -23.58 3.22
N PRO C 196 25.20 -23.07 2.30
CA PRO C 196 25.58 -21.66 2.35
C PRO C 196 24.41 -20.72 2.06
N LEU C 197 24.46 -19.54 2.68
CA LEU C 197 23.49 -18.48 2.45
C LEU C 197 24.23 -17.19 2.20
N GLU C 198 23.52 -16.19 1.65
CA GLU C 198 24.19 -15.00 1.13
C GLU C 198 24.53 -13.98 2.21
N GLY C 199 23.51 -13.37 2.82
CA GLY C 199 23.75 -12.25 3.72
C GLY C 199 22.88 -12.20 4.95
N ALA C 200 22.47 -13.36 5.45
CA ALA C 200 21.46 -13.43 6.50
C ALA C 200 22.00 -12.94 7.85
N VAL C 201 21.10 -12.35 8.63
CA VAL C 201 21.38 -11.91 10.00
C VAL C 201 20.46 -12.69 10.93
N TYR C 202 21.04 -13.34 11.94
CA TYR C 202 20.31 -14.23 12.82
C TYR C 202 20.41 -13.74 14.27
N THR C 203 19.28 -13.35 14.83
CA THR C 203 19.14 -13.02 16.24
C THR C 203 18.09 -13.94 16.87
N LEU C 204 17.96 -13.85 18.19
CA LEU C 204 16.93 -14.56 18.93
C LEU C 204 15.93 -13.56 19.48
N VAL C 205 14.65 -13.90 19.42
CA VAL C 205 13.60 -12.97 19.82
C VAL C 205 12.60 -13.65 20.73
N ASP C 206 11.97 -12.85 21.58
CA ASP C 206 10.78 -13.25 22.31
C ASP C 206 9.64 -13.45 21.31
N PRO C 207 8.63 -14.28 21.64
CA PRO C 207 7.50 -14.47 20.72
C PRO C 207 6.65 -13.24 20.43
N PHE C 208 7.02 -12.06 20.93
CA PHE C 208 6.24 -10.85 20.70
C PHE C 208 7.05 -9.72 20.08
N GLY C 209 8.22 -10.01 19.52
CA GLY C 209 8.99 -9.02 18.80
C GLY C 209 10.02 -8.27 19.62
N ARG C 210 10.15 -8.57 20.91
CA ARG C 210 11.15 -7.80 21.63
C ARG C 210 12.43 -8.63 21.80
N PRO C 211 13.60 -8.02 21.62
CA PRO C 211 14.84 -8.80 21.55
C PRO C 211 15.33 -9.28 22.90
N ILE C 212 16.02 -10.42 22.88
CA ILE C 212 16.73 -10.97 24.02
C ILE C 212 18.18 -11.16 23.62
N VAL C 213 19.09 -10.60 24.41
CA VAL C 213 20.53 -10.72 24.15
C VAL C 213 20.98 -12.14 24.48
N PRO C 214 21.95 -12.70 23.77
CA PRO C 214 22.44 -14.04 24.12
C PRO C 214 23.39 -13.97 25.32
N GLY C 215 23.72 -15.16 25.83
CA GLY C 215 24.56 -15.23 27.01
C GLY C 215 23.87 -14.81 28.29
N THR C 216 22.55 -14.90 28.34
CA THR C 216 21.78 -14.44 29.49
C THR C 216 21.36 -15.62 30.34
N LYS C 217 21.70 -15.58 31.63
CA LYS C 217 21.19 -16.56 32.58
C LYS C 217 19.70 -16.30 32.79
N ASN C 218 18.89 -17.35 32.57
CA ASN C 218 17.42 -17.28 32.62
C ASN C 218 16.89 -16.21 31.66
N ALA C 219 17.14 -16.43 30.37
CA ALA C 219 16.82 -15.43 29.37
C ALA C 219 15.31 -15.33 29.15
N TYR C 220 14.59 -16.45 29.22
CA TYR C 220 13.15 -16.44 28.96
C TYR C 220 12.53 -17.64 29.64
N ARG C 221 11.21 -17.73 29.53
CA ARG C 221 10.43 -18.90 29.93
C ARG C 221 9.52 -19.29 28.77
N ASN C 222 8.71 -20.32 28.98
CA ASN C 222 7.90 -20.91 27.92
C ASN C 222 6.44 -20.49 28.04
N LEU C 223 5.66 -20.86 27.04
CA LEU C 223 4.23 -20.59 27.00
C LEU C 223 3.48 -21.90 26.86
N VAL C 224 2.32 -21.98 27.51
CA VAL C 224 1.48 -23.17 27.50
C VAL C 224 0.05 -22.75 27.21
N GLY C 283 -14.53 -8.26 16.82
CA GLY C 283 -13.98 -6.92 16.81
C GLY C 283 -14.31 -6.21 15.51
N THR C 284 -14.28 -4.88 15.56
CA THR C 284 -14.73 -4.05 14.47
C THR C 284 -13.66 -3.03 14.09
N SER C 285 -13.95 -2.30 13.02
CA SER C 285 -13.18 -1.16 12.56
C SER C 285 -14.13 0.02 12.38
N GLY C 286 -13.65 1.09 11.75
CA GLY C 286 -14.45 2.28 11.54
C GLY C 286 -15.12 2.30 10.19
N PRO C 287 -15.56 3.48 9.76
CA PRO C 287 -16.24 3.60 8.46
C PRO C 287 -15.26 3.55 7.29
N LEU C 288 -15.62 2.79 6.26
CA LEU C 288 -14.87 2.76 5.00
C LEU C 288 -15.84 2.92 3.84
N LEU C 289 -15.47 3.78 2.89
CA LEU C 289 -16.25 3.95 1.67
C LEU C 289 -15.98 2.81 0.69
N CYS C 290 -17.05 2.33 0.05
CA CYS C 290 -16.92 1.30 -0.96
C CYS C 290 -17.87 1.60 -2.12
N ASN C 291 -17.32 1.59 -3.34
CA ASN C 291 -18.11 1.80 -4.53
C ASN C 291 -19.03 0.62 -4.78
N ILE C 292 -20.21 0.92 -5.32
CA ILE C 292 -21.27 -0.07 -5.51
C ILE C 292 -21.60 -0.17 -6.99
N HIS C 293 -21.57 -1.38 -7.53
CA HIS C 293 -21.96 -1.66 -8.90
C HIS C 293 -23.16 -2.60 -8.89
N ASP C 294 -24.21 -2.23 -9.63
CA ASP C 294 -25.45 -2.98 -9.68
C ASP C 294 -25.66 -3.55 -11.08
N LEU C 295 -26.17 -4.78 -11.13
CA LEU C 295 -26.43 -5.42 -12.41
C LEU C 295 -27.92 -5.77 -12.55
N TYR C 350 -22.95 4.61 -7.08
CA TYR C 350 -23.45 4.84 -5.73
C TYR C 350 -22.33 4.75 -4.70
N LEU C 351 -22.39 5.62 -3.70
CA LEU C 351 -21.43 5.64 -2.61
C LEU C 351 -22.10 5.16 -1.32
N ASP C 352 -21.43 4.26 -0.61
CA ASP C 352 -21.99 3.69 0.61
C ASP C 352 -20.86 3.41 1.58
N ILE C 353 -21.22 3.29 2.86
CA ILE C 353 -20.26 3.16 3.94
C ILE C 353 -20.46 1.81 4.62
N ARG C 354 -19.40 1.04 4.72
CA ARG C 354 -19.44 -0.25 5.41
C ARG C 354 -18.17 -0.42 6.23
N ARG C 355 -18.20 -1.39 7.13
CA ARG C 355 -17.11 -1.62 8.07
C ARG C 355 -16.59 -3.04 7.92
N ASN C 356 -15.41 -3.28 8.48
CA ASN C 356 -14.73 -4.57 8.39
C ASN C 356 -14.75 -5.26 9.75
N VAL C 357 -14.93 -6.58 9.72
CA VAL C 357 -15.08 -7.39 10.94
C VAL C 357 -14.00 -8.45 10.95
N HIS C 358 -13.27 -8.53 12.06
CA HIS C 358 -12.29 -9.59 12.31
C HIS C 358 -12.77 -10.49 13.44
N TYR C 359 -11.92 -11.45 13.82
CA TYR C 359 -12.21 -12.35 14.92
C TYR C 359 -10.95 -12.54 15.76
N SER C 360 -11.16 -12.93 17.01
CA SER C 360 -10.06 -13.21 17.92
C SER C 360 -10.53 -14.18 18.99
N CYS C 361 -9.55 -14.79 19.66
CA CYS C 361 -9.83 -15.75 20.73
C CYS C 361 -8.90 -15.47 21.90
N ASN C 362 -9.46 -15.44 23.12
CA ASN C 362 -8.69 -15.11 24.30
C ASN C 362 -9.06 -16.04 25.47
N GLY C 363 -9.29 -17.31 25.20
CA GLY C 363 -9.66 -18.25 26.24
C GLY C 363 -8.51 -19.11 26.69
N PRO C 364 -8.83 -20.30 27.24
CA PRO C 364 -7.77 -21.22 27.68
C PRO C 364 -6.88 -21.72 26.55
N GLN C 365 -7.40 -21.80 25.32
CA GLN C 365 -6.62 -22.23 24.18
C GLN C 365 -5.55 -21.21 23.79
N THR C 366 -5.69 -19.96 24.21
CA THR C 366 -4.71 -18.93 23.89
C THR C 366 -3.46 -19.13 24.73
N PRO C 367 -2.28 -19.24 24.12
CA PRO C 367 -1.04 -19.34 24.91
C PRO C 367 -0.75 -18.06 25.69
N LYS C 368 -0.09 -18.22 26.83
CA LYS C 368 0.13 -17.13 27.76
C LYS C 368 1.44 -17.36 28.51
N TYR C 369 1.99 -16.28 29.09
CA TYR C 369 3.06 -16.45 30.05
C TYR C 369 2.55 -17.11 31.33
N TYR C 370 1.46 -16.60 31.89
CA TYR C 370 0.96 -17.04 33.18
C TYR C 370 -0.43 -17.63 33.03
N GLN C 371 -0.73 -18.64 33.85
CA GLN C 371 -2.02 -19.33 33.81
C GLN C 371 -2.76 -19.13 35.12
N PHE C 418 5.02 -24.67 24.05
CA PHE C 418 5.26 -23.82 22.90
C PHE C 418 6.67 -23.26 22.96
N PRO C 419 7.28 -22.94 21.81
CA PRO C 419 8.59 -22.28 21.84
C PRO C 419 8.52 -20.90 22.48
N GLY C 420 9.20 -20.77 23.62
CA GLY C 420 9.34 -19.50 24.30
C GLY C 420 10.41 -18.60 23.72
N LEU C 421 11.10 -19.06 22.69
CA LEU C 421 12.06 -18.26 21.93
C LEU C 421 11.92 -18.66 20.48
N PHE C 422 12.28 -17.73 19.58
CA PHE C 422 12.18 -17.99 18.16
C PHE C 422 13.43 -17.50 17.45
N VAL C 423 13.92 -18.31 16.52
CA VAL C 423 15.06 -17.93 15.69
C VAL C 423 14.56 -16.97 14.61
N ARG C 424 15.29 -15.89 14.39
CA ARG C 424 14.95 -14.93 13.34
C ARG C 424 15.84 -15.16 12.14
N GLN C 425 15.27 -15.04 10.95
CA GLN C 425 16.00 -15.16 9.69
C GLN C 425 15.76 -13.87 8.91
N SER C 426 16.58 -12.85 9.19
CA SER C 426 16.43 -11.54 8.57
C SER C 426 17.25 -11.54 7.28
N ARG C 427 16.71 -12.20 6.27
CA ARG C 427 17.41 -12.40 5.01
C ARG C 427 17.51 -11.10 4.20
N PHE C 428 18.20 -11.22 3.07
CA PHE C 428 18.06 -10.29 1.95
C PHE C 428 18.53 -11.02 0.70
N ILE C 429 17.68 -11.00 -0.33
CA ILE C 429 18.00 -11.60 -1.62
C ILE C 429 18.05 -10.48 -2.64
N ALA C 430 19.18 -10.38 -3.34
CA ALA C 430 19.41 -9.28 -4.27
C ALA C 430 18.97 -9.68 -5.68
N GLY C 431 19.26 -8.81 -6.66
CA GLY C 431 19.09 -9.15 -8.05
C GLY C 431 17.97 -8.42 -8.76
N ARG C 432 17.23 -9.14 -9.59
CA ARG C 432 16.14 -8.58 -10.38
C ARG C 432 15.07 -9.64 -10.63
N PRO C 433 13.96 -9.63 -9.87
CA PRO C 433 13.61 -8.76 -8.74
C PRO C 433 14.32 -9.14 -7.46
N SER C 434 14.39 -8.22 -6.50
CA SER C 434 14.88 -8.52 -5.18
C SER C 434 13.69 -8.74 -4.23
N ARG C 435 14.00 -9.06 -2.98
CA ARG C 435 13.01 -9.21 -1.93
C ARG C 435 13.63 -8.76 -0.61
N ARG C 436 12.92 -9.04 0.48
CA ARG C 436 13.50 -9.04 1.83
C ARG C 436 12.58 -9.87 2.71
N ASN C 437 13.07 -11.00 3.19
CA ASN C 437 12.23 -11.98 3.88
C ASN C 437 12.67 -12.10 5.32
N ILE C 438 11.72 -11.92 6.24
CA ILE C 438 11.92 -12.20 7.65
C ILE C 438 11.22 -13.51 7.94
N ARG C 439 11.99 -14.55 8.26
CA ARG C 439 11.46 -15.88 8.46
C ARG C 439 11.65 -16.32 9.90
N PHE C 440 10.63 -16.95 10.46
CA PHE C 440 10.67 -17.49 11.81
C PHE C 440 10.80 -19.01 11.74
N LYS C 441 11.74 -19.56 12.51
CA LYS C 441 11.91 -21.00 12.61
C LYS C 441 11.91 -21.37 14.08
N PRO C 442 10.99 -22.20 14.55
CA PRO C 442 10.81 -22.41 16.00
C PRO C 442 11.93 -23.24 16.60
N TRP C 443 12.76 -22.60 17.41
CA TRP C 443 13.67 -23.31 18.31
C TRP C 443 12.83 -23.94 19.41
N PHE C 444 12.98 -25.24 19.62
CA PHE C 444 12.19 -25.94 20.64
C PHE C 444 13.10 -26.86 21.45
N ILE C 445 13.69 -26.31 22.51
CA ILE C 445 14.32 -27.12 23.55
C ILE C 445 13.26 -27.39 24.60
N PRO C 446 13.03 -28.64 24.98
CA PRO C 446 11.95 -28.95 25.92
C PRO C 446 12.20 -28.37 27.31
N GLY C 447 11.12 -27.95 27.95
CA GLY C 447 11.18 -27.42 29.30
C GLY C 447 10.40 -28.28 30.27
N MET C 545 -1.03 -21.36 5.85
CA MET C 545 -1.32 -20.08 5.22
C MET C 545 -0.36 -19.05 5.80
N GLN C 546 0.57 -18.58 4.97
CA GLN C 546 1.52 -17.58 5.42
C GLN C 546 1.09 -16.20 4.93
N PRO C 547 0.91 -15.23 5.83
CA PRO C 547 0.61 -13.87 5.39
C PRO C 547 1.78 -13.27 4.64
N THR C 548 1.46 -12.43 3.67
CA THR C 548 2.48 -11.86 2.79
C THR C 548 2.03 -10.47 2.38
N HIS C 549 2.71 -9.44 2.89
CA HIS C 549 2.53 -8.07 2.43
C HIS C 549 3.29 -7.91 1.12
N HIS C 550 2.79 -8.57 0.08
CA HIS C 550 3.51 -8.85 -1.14
C HIS C 550 3.73 -7.55 -1.92
N ALA C 551 4.56 -7.63 -2.96
CA ALA C 551 5.13 -6.41 -3.50
C ALA C 551 5.40 -6.54 -4.99
N GLU C 552 5.61 -5.37 -5.60
CA GLU C 552 6.16 -5.24 -6.94
C GLU C 552 6.75 -3.84 -6.99
N ILE C 553 8.08 -3.73 -6.93
CA ILE C 553 8.74 -2.45 -6.68
C ILE C 553 9.66 -2.11 -7.85
N SER C 554 9.51 -0.90 -8.38
CA SER C 554 10.34 -0.46 -9.52
C SER C 554 10.31 1.06 -9.60
N PHE C 555 11.33 1.64 -10.22
CA PHE C 555 11.46 3.10 -10.29
C PHE C 555 10.45 3.72 -11.27
N GLN C 556 10.59 3.45 -12.58
CA GLN C 556 9.62 4.00 -13.53
C GLN C 556 9.24 3.03 -14.65
N ASP C 557 9.30 1.71 -14.46
CA ASP C 557 9.04 0.82 -15.58
C ASP C 557 7.55 0.68 -15.82
N ARG C 558 7.16 -0.29 -16.64
CA ARG C 558 5.77 -0.69 -16.69
C ARG C 558 5.46 -1.42 -15.40
N ASP C 559 4.59 -0.81 -14.59
CA ASP C 559 4.33 -1.16 -13.20
C ASP C 559 3.76 -2.57 -13.04
N THR C 560 3.24 -3.15 -14.10
CA THR C 560 2.64 -4.46 -13.93
C THR C 560 3.32 -5.48 -14.85
N ALA C 561 4.66 -5.48 -14.81
CA ALA C 561 5.51 -6.45 -15.49
C ALA C 561 6.61 -6.83 -14.51
N LEU C 562 7.69 -7.44 -14.98
CA LEU C 562 8.71 -7.97 -14.08
C LEU C 562 9.54 -6.83 -13.48
N PRO C 563 9.53 -6.68 -12.15
CA PRO C 563 10.18 -5.51 -11.54
C PRO C 563 11.67 -5.68 -11.27
N ASP C 564 12.24 -4.69 -10.58
CA ASP C 564 13.62 -4.74 -10.10
C ASP C 564 13.75 -5.11 -8.62
N ALA C 565 12.71 -4.91 -7.81
CA ALA C 565 12.79 -5.13 -6.38
C ALA C 565 11.42 -5.48 -5.84
N CYS C 566 11.40 -5.98 -4.59
CA CYS C 566 10.17 -6.18 -3.83
C CYS C 566 10.49 -5.92 -2.35
N SER C 567 9.47 -6.07 -1.50
CA SER C 567 9.64 -5.98 -0.04
C SER C 567 8.44 -6.68 0.60
N SER C 568 8.68 -7.80 1.28
CA SER C 568 7.60 -8.68 1.74
C SER C 568 7.90 -9.29 3.11
N ILE C 569 7.25 -8.78 4.15
CA ILE C 569 7.28 -9.42 5.47
C ILE C 569 6.55 -10.75 5.44
N SER C 570 7.17 -11.76 6.04
CA SER C 570 6.44 -12.88 6.59
C SER C 570 6.34 -12.67 8.10
N ASP C 571 5.17 -13.00 8.64
CA ASP C 571 4.80 -12.59 10.00
C ASP C 571 5.43 -13.51 11.04
N ILE C 572 4.95 -13.43 12.28
CA ILE C 572 5.53 -14.18 13.39
C ILE C 572 5.39 -15.68 13.17
N SER C 573 4.19 -16.12 12.78
CA SER C 573 3.96 -17.54 12.53
C SER C 573 2.88 -17.69 11.47
N PRO C 574 3.15 -18.42 10.38
CA PRO C 574 2.11 -18.69 9.39
C PRO C 574 0.94 -19.45 9.99
N VAL C 575 -0.27 -19.13 9.51
CA VAL C 575 -1.48 -19.75 10.01
C VAL C 575 -1.60 -21.16 9.44
N HIS D 155 -42.84 0.54 14.97
CA HIS D 155 -42.55 1.97 14.97
C HIS D 155 -41.66 2.29 13.77
N ILE D 156 -41.70 3.57 13.35
CA ILE D 156 -40.89 4.05 12.24
C ILE D 156 -40.24 5.37 12.65
N LEU D 157 -38.92 5.45 12.51
CA LEU D 157 -38.17 6.67 12.73
C LEU D 157 -37.89 7.38 11.40
N GLY D 158 -37.31 8.57 11.49
CA GLY D 158 -37.01 9.38 10.34
C GLY D 158 -35.52 9.54 10.08
N ALA D 159 -35.21 10.45 9.17
CA ALA D 159 -33.83 10.73 8.82
C ALA D 159 -33.14 11.51 9.94
N CYS D 160 -31.86 11.20 10.18
CA CYS D 160 -31.11 11.80 11.27
C CYS D 160 -29.77 12.33 10.75
N HIS D 161 -29.40 13.50 11.24
CA HIS D 161 -28.08 14.10 11.01
C HIS D 161 -27.84 15.10 12.14
N SER D 162 -26.81 15.92 12.00
CA SER D 162 -26.55 16.99 12.95
C SER D 162 -26.19 18.26 12.18
N SER D 163 -25.91 19.33 12.92
CA SER D 163 -25.58 20.60 12.32
C SER D 163 -24.10 20.65 11.97
N TRP D 164 -23.66 21.79 11.45
CA TRP D 164 -22.29 21.97 11.02
C TRP D 164 -21.40 22.38 12.20
N GLN D 165 -20.15 22.68 11.89
CA GLN D 165 -19.15 23.05 12.88
C GLN D 165 -18.21 24.09 12.29
N ASP D 166 -17.22 24.48 13.07
CA ASP D 166 -16.12 25.33 12.62
C ASP D 166 -14.85 24.52 12.64
N ALA D 167 -14.06 24.63 11.58
CA ALA D 167 -12.77 23.96 11.54
C ALA D 167 -11.81 24.69 12.47
N PRO D 168 -11.26 24.04 13.50
CA PRO D 168 -10.45 24.77 14.47
C PRO D 168 -9.08 25.15 13.91
N ILE D 169 -8.48 26.14 14.55
CA ILE D 169 -7.13 26.57 14.22
C ILE D 169 -6.17 25.88 15.17
N GLN D 170 -4.90 25.81 14.77
CA GLN D 170 -3.93 25.04 15.54
C GLN D 170 -3.56 25.80 16.81
N GLY D 171 -3.72 25.13 17.94
CA GLY D 171 -3.59 25.77 19.24
C GLY D 171 -4.88 25.84 20.03
N THR D 172 -5.98 25.29 19.51
CA THR D 172 -7.27 25.33 20.17
C THR D 172 -7.53 24.00 20.86
N SER D 173 -8.02 24.07 22.11
CA SER D 173 -8.40 22.90 22.86
C SER D 173 -9.70 23.21 23.60
N GLN D 174 -10.80 22.69 23.09
CA GLN D 174 -12.12 22.94 23.65
C GLN D 174 -12.53 21.79 24.56
N MET D 175 -13.26 22.12 25.63
CA MET D 175 -13.64 21.12 26.63
C MET D 175 -14.66 20.17 26.03
N GLY D 176 -14.22 18.94 25.75
CA GLY D 176 -15.11 17.93 25.22
C GLY D 176 -15.96 17.28 26.30
N ALA D 177 -16.81 16.36 25.86
CA ALA D 177 -17.71 15.68 26.77
C ALA D 177 -16.95 14.62 27.58
N HIS D 178 -17.49 14.36 28.78
CA HIS D 178 -17.01 13.30 29.68
C HIS D 178 -15.55 13.50 30.09
N GLY D 179 -15.16 14.76 30.27
CA GLY D 179 -13.89 15.07 30.89
C GLY D 179 -12.66 14.82 30.05
N GLN D 180 -12.79 14.77 28.74
CA GLN D 180 -11.64 14.64 27.85
C GLN D 180 -11.39 15.96 27.14
N LEU D 181 -10.14 16.42 27.18
CA LEU D 181 -9.74 17.66 26.51
C LEU D 181 -9.09 17.27 25.19
N GLN D 182 -9.83 17.41 24.10
CA GLN D 182 -9.25 17.23 22.79
C GLN D 182 -8.36 18.43 22.47
N THR D 183 -7.45 18.24 21.52
CA THR D 183 -6.42 19.23 21.30
C THR D 183 -5.84 19.11 19.89
N PHE D 184 -5.24 20.18 19.43
CA PHE D 184 -4.61 20.03 18.12
C PHE D 184 -3.23 20.68 18.18
N PRO D 185 -2.18 20.08 18.83
CA PRO D 185 -0.80 20.64 18.91
C PRO D 185 -0.02 21.18 17.72
N ARG D 186 0.82 22.18 17.95
CA ARG D 186 1.51 22.88 16.87
C ARG D 186 2.64 22.01 16.34
N ASN D 187 3.57 22.64 15.61
CA ASN D 187 4.73 21.95 15.08
C ASN D 187 5.70 21.61 16.21
N GLY D 188 6.23 20.39 16.18
CA GLY D 188 7.24 19.96 17.13
C GLY D 188 6.80 19.90 18.57
N TYR D 189 5.61 19.39 18.84
CA TYR D 189 5.12 19.25 20.21
C TYR D 189 4.32 17.95 20.34
N ASP D 190 4.25 17.45 21.57
CA ASP D 190 3.59 16.19 21.87
C ASP D 190 2.08 16.43 22.00
N TRP D 191 1.38 15.40 22.49
CA TRP D 191 -0.09 15.37 22.56
C TRP D 191 -0.67 16.21 23.68
N ASP D 192 0.15 16.78 24.57
CA ASP D 192 -0.34 17.75 25.55
C ASP D 192 0.35 19.10 25.38
N ASN D 193 1.02 19.29 24.24
CA ASN D 193 1.56 20.56 23.78
C ASN D 193 2.60 21.14 24.75
N GLN D 194 3.43 20.28 25.34
CA GLN D 194 4.45 20.78 26.26
C GLN D 194 5.84 20.20 25.98
N THR D 195 5.93 18.99 25.45
CA THR D 195 7.22 18.33 25.25
C THR D 195 7.63 18.43 23.80
N PRO D 196 8.80 19.00 23.49
CA PRO D 196 9.22 19.12 22.09
C PRO D 196 9.59 17.78 21.47
N LEU D 197 9.50 17.72 20.15
CA LEU D 197 9.87 16.55 19.38
C LEU D 197 10.28 17.02 17.98
N GLU D 198 10.94 16.14 17.24
CA GLU D 198 11.55 16.53 15.97
C GLU D 198 10.50 16.85 14.90
N GLY D 199 9.68 15.88 14.53
CA GLY D 199 8.75 16.11 13.43
C GLY D 199 7.38 15.50 13.59
N ALA D 200 6.95 15.22 14.81
CA ALA D 200 5.63 14.64 15.04
C ALA D 200 4.60 15.76 14.94
N VAL D 201 4.06 15.96 13.74
CA VAL D 201 3.19 17.10 13.45
C VAL D 201 1.88 16.55 12.91
N TYR D 202 0.77 17.21 13.25
CA TYR D 202 -0.55 16.60 13.25
C TYR D 202 -1.43 17.28 12.20
N THR D 203 -2.35 16.52 11.62
CA THR D 203 -3.24 17.05 10.59
C THR D 203 -4.60 16.37 10.71
N LEU D 204 -5.57 16.92 9.97
CA LEU D 204 -6.95 16.45 9.99
C LEU D 204 -7.32 15.86 8.64
N VAL D 205 -7.92 14.67 8.66
CA VAL D 205 -8.52 14.08 7.48
C VAL D 205 -9.88 13.49 7.84
N ASP D 206 -10.70 13.28 6.82
CA ASP D 206 -12.01 12.67 6.98
C ASP D 206 -11.87 11.17 7.20
N PRO D 207 -12.91 10.51 7.74
CA PRO D 207 -12.88 9.04 7.82
C PRO D 207 -12.79 8.35 6.46
N PHE D 208 -13.19 9.00 5.38
CA PHE D 208 -12.85 8.51 4.05
C PHE D 208 -11.41 8.79 3.67
N GLY D 209 -10.74 9.70 4.37
CA GLY D 209 -9.40 10.11 4.03
C GLY D 209 -9.29 11.45 3.34
N ARG D 210 -10.40 12.15 3.15
CA ARG D 210 -10.36 13.45 2.48
C ARG D 210 -9.81 14.50 3.41
N PRO D 211 -8.81 15.28 3.00
CA PRO D 211 -8.25 16.31 3.88
C PRO D 211 -9.20 17.48 4.05
N ILE D 212 -9.00 18.22 5.15
CA ILE D 212 -9.77 19.41 5.46
C ILE D 212 -8.78 20.57 5.59
N VAL D 213 -9.01 21.63 4.82
CA VAL D 213 -8.25 22.87 5.01
C VAL D 213 -8.67 23.49 6.34
N PRO D 214 -7.73 23.78 7.24
CA PRO D 214 -8.10 24.31 8.56
C PRO D 214 -8.70 25.70 8.47
N GLY D 215 -9.63 25.99 9.39
CA GLY D 215 -10.26 27.28 9.47
C GLY D 215 -11.47 27.48 8.59
N THR D 216 -11.87 26.48 7.82
CA THR D 216 -13.03 26.60 6.95
C THR D 216 -14.33 26.56 7.75
N LYS D 217 -15.38 27.09 7.14
CA LYS D 217 -16.69 27.21 7.78
C LYS D 217 -17.67 26.29 7.06
N ASN D 218 -18.25 25.35 7.82
CA ASN D 218 -19.27 24.41 7.35
C ASN D 218 -18.78 23.58 6.16
N ALA D 219 -17.76 22.76 6.43
CA ALA D 219 -17.29 21.79 5.44
C ALA D 219 -17.39 20.34 5.91
N TYR D 220 -17.50 20.09 7.21
CA TYR D 220 -17.65 18.75 7.74
C TYR D 220 -18.74 18.73 8.81
N ARG D 221 -19.50 17.63 8.82
CA ARG D 221 -20.44 17.35 9.90
C ARG D 221 -20.04 16.02 10.50
N ASN D 222 -20.08 15.93 11.83
CA ASN D 222 -19.73 14.69 12.49
C ASN D 222 -20.73 13.59 12.14
N LEU D 223 -20.20 12.43 11.75
CA LEU D 223 -21.06 11.34 11.31
C LEU D 223 -21.80 10.76 12.51
N VAL D 224 -22.90 10.07 12.22
CA VAL D 224 -23.81 9.60 13.25
C VAL D 224 -24.09 8.11 13.03
N TYR D 225 -24.16 7.38 14.14
CA TYR D 225 -24.45 5.96 14.15
C TYR D 225 -25.44 5.68 15.28
N TYR D 226 -25.91 4.44 15.34
CA TYR D 226 -26.90 4.05 16.33
C TYR D 226 -26.25 3.16 17.38
N CYS D 227 -26.90 3.09 18.54
CA CYS D 227 -26.37 2.37 19.68
C CYS D 227 -26.55 0.87 19.48
N GLU D 228 -26.09 0.07 20.44
CA GLU D 228 -26.19 -1.38 20.38
C GLU D 228 -27.59 -1.78 20.83
N TYR D 229 -28.31 -2.49 19.95
CA TYR D 229 -29.71 -2.87 20.10
C TYR D 229 -30.61 -1.66 20.42
N PRO D 230 -30.85 -0.76 19.47
CA PRO D 230 -31.79 0.34 19.73
C PRO D 230 -33.21 -0.14 19.99
N GLY D 276 -33.51 -4.57 14.96
CA GLY D 276 -32.70 -3.57 14.29
C GLY D 276 -31.22 -3.87 14.22
N GLN D 277 -30.80 -5.05 14.68
CA GLN D 277 -29.42 -5.51 14.57
C GLN D 277 -29.26 -6.27 13.26
N GLU D 278 -28.01 -6.38 12.80
CA GLU D 278 -27.75 -7.01 11.51
C GLU D 278 -26.71 -8.12 11.65
N VAL D 279 -26.73 -9.01 10.67
CA VAL D 279 -25.83 -10.15 10.60
C VAL D 279 -24.77 -9.84 9.54
N SER D 280 -23.56 -10.35 9.75
CA SER D 280 -22.44 -10.05 8.87
C SER D 280 -22.65 -10.61 7.47
N VAL D 281 -22.02 -9.95 6.50
CA VAL D 281 -22.17 -10.27 5.08
C VAL D 281 -20.98 -11.09 4.64
N GLU D 282 -21.25 -12.24 4.00
CA GLU D 282 -20.20 -13.13 3.54
C GLU D 282 -19.58 -12.62 2.24
N GLY D 283 -18.40 -13.13 1.93
CA GLY D 283 -17.69 -12.76 0.72
C GLY D 283 -16.41 -13.55 0.58
N THR D 284 -15.77 -13.38 -0.57
CA THR D 284 -14.57 -14.14 -0.87
C THR D 284 -13.71 -13.40 -1.90
N SER D 285 -12.41 -13.67 -1.85
CA SER D 285 -11.47 -13.18 -2.85
C SER D 285 -11.30 -14.24 -3.93
N GLY D 286 -10.30 -14.08 -4.78
CA GLY D 286 -10.05 -15.01 -5.86
C GLY D 286 -9.19 -16.18 -5.45
N PRO D 287 -8.72 -16.95 -6.44
CA PRO D 287 -7.90 -18.13 -6.14
C PRO D 287 -6.52 -17.75 -5.61
N LEU D 288 -6.06 -18.53 -4.63
CA LEU D 288 -4.79 -18.30 -3.97
C LEU D 288 -4.04 -19.62 -3.85
N LEU D 289 -2.70 -19.54 -3.87
CA LEU D 289 -1.85 -20.72 -3.82
C LEU D 289 -0.65 -20.46 -2.92
N CYS D 290 -0.43 -21.37 -1.96
CA CYS D 290 0.74 -21.32 -1.09
C CYS D 290 1.19 -22.76 -0.83
N ASN D 291 2.27 -22.90 -0.06
CA ASN D 291 2.90 -24.20 0.16
C ASN D 291 2.19 -24.97 1.27
N ILE D 292 2.40 -26.29 1.28
CA ILE D 292 1.82 -27.20 2.27
C ILE D 292 2.91 -28.16 2.72
N HIS D 293 2.83 -28.58 3.97
CA HIS D 293 3.76 -29.57 4.54
C HIS D 293 3.00 -30.82 4.97
N ASP D 294 3.66 -31.97 4.85
CA ASP D 294 3.07 -33.24 5.23
C ASP D 294 4.15 -34.17 5.75
N LEU D 295 3.86 -34.87 6.85
CA LEU D 295 4.77 -35.85 7.41
C LEU D 295 4.07 -37.19 7.61
N TYR D 350 2.03 -31.36 -3.87
CA TYR D 350 0.66 -31.07 -4.30
C TYR D 350 0.30 -29.61 -4.11
N LEU D 351 -0.02 -28.93 -5.21
CA LEU D 351 -0.52 -27.57 -5.16
C LEU D 351 -2.03 -27.61 -4.94
N ASP D 352 -2.51 -26.71 -4.08
CA ASP D 352 -3.91 -26.70 -3.69
C ASP D 352 -4.39 -25.27 -3.61
N ILE D 353 -5.60 -25.02 -4.08
CA ILE D 353 -6.13 -23.67 -4.26
C ILE D 353 -7.08 -23.37 -3.11
N ARG D 354 -6.89 -22.21 -2.48
CA ARG D 354 -7.63 -21.84 -1.29
C ARG D 354 -8.19 -20.44 -1.44
N ARG D 355 -9.27 -20.17 -0.71
CA ARG D 355 -9.90 -18.86 -0.69
C ARG D 355 -10.16 -18.42 0.74
N ASN D 356 -9.86 -17.15 1.02
CA ASN D 356 -10.07 -16.56 2.32
C ASN D 356 -11.37 -15.76 2.34
N VAL D 357 -11.96 -15.63 3.52
CA VAL D 357 -13.31 -15.08 3.67
C VAL D 357 -13.26 -13.93 4.67
N HIS D 358 -13.64 -12.73 4.22
CA HIS D 358 -13.76 -11.56 5.07
C HIS D 358 -15.20 -11.48 5.61
N TYR D 359 -15.55 -10.35 6.22
CA TYR D 359 -16.93 -10.05 6.57
C TYR D 359 -17.20 -8.58 6.27
N SER D 360 -18.45 -8.17 6.50
CA SER D 360 -18.84 -6.78 6.39
C SER D 360 -20.09 -6.54 7.20
N CYS D 361 -20.32 -5.28 7.55
CA CYS D 361 -21.55 -4.86 8.20
C CYS D 361 -21.94 -3.49 7.68
N ASN D 362 -23.22 -3.36 7.30
CA ASN D 362 -23.75 -2.09 6.79
C ASN D 362 -25.11 -1.79 7.39
N GLY D 363 -25.30 -2.04 8.68
CA GLY D 363 -26.58 -1.82 9.31
C GLY D 363 -26.76 -0.42 9.84
N PRO D 364 -27.78 -0.22 10.68
CA PRO D 364 -27.97 1.09 11.31
C PRO D 364 -26.85 1.48 12.26
N GLN D 365 -26.05 0.53 12.72
CA GLN D 365 -24.91 0.85 13.58
C GLN D 365 -23.72 1.37 12.82
N THR D 366 -23.75 1.31 11.49
CA THR D 366 -22.69 1.87 10.67
C THR D 366 -22.80 3.39 10.65
N PRO D 367 -21.75 4.12 11.00
CA PRO D 367 -21.80 5.59 10.89
C PRO D 367 -21.93 6.02 9.43
N LYS D 368 -22.77 7.03 9.20
CA LYS D 368 -23.10 7.46 7.84
C LYS D 368 -23.24 8.97 7.79
N TYR D 369 -23.17 9.51 6.58
CA TYR D 369 -23.56 10.89 6.35
C TYR D 369 -25.07 11.07 6.48
N TYR D 370 -25.83 10.18 5.85
CA TYR D 370 -27.28 10.20 5.88
C TYR D 370 -27.81 8.95 6.57
N GLN D 371 -28.82 9.12 7.42
CA GLN D 371 -29.40 8.00 8.14
C GLN D 371 -30.65 7.52 7.42
N PRO D 372 -30.69 6.28 6.92
CA PRO D 372 -31.95 5.73 6.44
C PRO D 372 -32.87 5.42 7.60
N PRO D 373 -34.18 5.47 7.39
CA PRO D 373 -35.13 5.22 8.49
C PRO D 373 -35.08 3.78 8.98
N LEU D 374 -35.66 3.58 10.16
CA LEU D 374 -35.63 2.32 10.86
C LEU D 374 -37.04 1.86 11.19
N ALA D 375 -37.22 0.54 11.29
CA ALA D 375 -38.46 -0.07 11.70
C ALA D 375 -38.21 -1.05 12.83
N GLN D 411 -34.06 10.50 23.59
CA GLN D 411 -33.30 10.64 22.36
C GLN D 411 -31.81 10.37 22.58
N LYS D 412 -31.30 10.64 23.78
CA LYS D 412 -29.90 10.37 24.08
C LYS D 412 -29.58 8.89 24.21
N ASP D 413 -30.60 8.03 24.26
CA ASP D 413 -30.39 6.59 24.34
C ASP D 413 -30.24 5.92 22.99
N LEU D 414 -30.70 6.56 21.91
CA LEU D 414 -30.77 5.93 20.59
C LEU D 414 -29.75 6.46 19.61
N VAL D 415 -29.66 7.77 19.46
CA VAL D 415 -28.76 8.37 18.49
C VAL D 415 -27.51 8.86 19.19
N ASN D 416 -26.48 9.17 18.41
CA ASN D 416 -25.19 9.60 18.93
C ASN D 416 -24.50 10.40 17.84
N GLU D 417 -23.25 10.79 18.09
CA GLU D 417 -22.41 11.41 17.08
C GLU D 417 -21.04 10.73 17.09
N PHE D 418 -20.69 10.11 16.00
CA PHE D 418 -19.33 9.63 15.86
C PHE D 418 -18.41 10.82 15.60
N PRO D 419 -17.18 10.77 16.09
CA PRO D 419 -16.24 11.86 15.78
C PRO D 419 -15.84 11.85 14.31
N GLY D 420 -16.41 12.78 13.54
CA GLY D 420 -16.14 12.85 12.11
C GLY D 420 -14.89 13.62 11.74
N LEU D 421 -14.30 14.30 12.71
CA LEU D 421 -13.01 14.96 12.54
C LEU D 421 -11.98 14.16 13.31
N PHE D 422 -11.08 13.49 12.60
CA PHE D 422 -10.00 12.74 13.22
C PHE D 422 -8.67 13.46 12.98
N VAL D 423 -7.73 13.24 13.90
CA VAL D 423 -6.42 13.86 13.83
C VAL D 423 -5.43 12.81 13.35
N ARG D 424 -4.81 13.08 12.20
CA ARG D 424 -3.84 12.18 11.61
C ARG D 424 -2.45 12.61 12.07
N GLN D 425 -1.76 11.72 12.77
CA GLN D 425 -0.42 11.97 13.28
C GLN D 425 0.59 11.34 12.32
N SER D 426 1.45 12.17 11.73
CA SER D 426 2.53 11.68 10.89
C SER D 426 3.83 11.75 11.69
N ARG D 427 3.95 10.85 12.65
CA ARG D 427 5.09 10.83 13.54
C ARG D 427 6.30 10.24 12.84
N PHE D 428 7.44 10.91 12.98
CA PHE D 428 8.69 10.45 12.41
C PHE D 428 9.73 10.32 13.51
N ILE D 429 10.51 9.24 13.46
CA ILE D 429 11.63 9.03 14.37
C ILE D 429 12.86 8.74 13.53
N ALA D 430 13.91 9.53 13.73
CA ALA D 430 15.16 9.35 13.01
C ALA D 430 16.10 8.45 13.80
N GLY D 431 17.32 8.32 13.29
CA GLY D 431 18.35 7.59 14.00
C GLY D 431 18.78 6.29 13.36
N ARG D 432 18.95 5.25 14.18
CA ARG D 432 19.44 3.95 13.74
C ARG D 432 18.82 2.86 14.63
N PRO D 433 17.76 2.18 14.18
CA PRO D 433 17.07 2.25 12.88
C PRO D 433 16.15 3.47 12.74
N SER D 434 15.34 3.49 11.68
CA SER D 434 14.48 4.63 11.38
C SER D 434 13.09 4.14 11.04
N ARG D 435 12.10 4.64 11.79
CA ARG D 435 10.70 4.31 11.56
C ARG D 435 9.87 5.59 11.54
N ARG D 436 8.80 5.58 10.75
CA ARG D 436 7.75 6.57 10.86
C ARG D 436 6.46 5.85 11.25
N ASN D 437 5.64 6.51 12.05
CA ASN D 437 4.46 5.87 12.63
C ASN D 437 3.27 6.80 12.51
N ILE D 438 2.08 6.18 12.49
CA ILE D 438 0.82 6.93 12.45
C ILE D 438 -0.12 6.33 13.49
N ARG D 439 -0.56 7.16 14.44
CA ARG D 439 -1.60 6.81 15.39
C ARG D 439 -2.68 7.87 15.37
N PHE D 440 -3.95 7.44 15.46
CA PHE D 440 -5.09 8.34 15.35
C PHE D 440 -5.65 8.67 16.72
N LYS D 441 -5.82 9.96 17.00
CA LYS D 441 -6.43 10.43 18.23
C LYS D 441 -7.70 11.21 17.90
N PRO D 442 -8.81 10.93 18.58
CA PRO D 442 -10.09 11.53 18.19
C PRO D 442 -10.21 12.99 18.58
N TRP D 443 -11.17 13.65 17.94
CA TRP D 443 -11.63 15.00 18.29
C TRP D 443 -13.13 14.86 18.56
N PHE D 444 -13.47 14.50 19.79
CA PHE D 444 -14.86 14.25 20.17
C PHE D 444 -15.47 15.56 20.63
N ILE D 445 -16.09 16.27 19.69
CA ILE D 445 -16.75 17.55 19.98
C ILE D 445 -18.20 17.38 19.53
N PRO D 446 -19.18 17.89 20.26
CA PRO D 446 -20.58 17.62 19.90
C PRO D 446 -21.20 18.68 19.00
N GLY D 447 -22.18 18.23 18.22
CA GLY D 447 -23.06 19.08 17.46
C GLY D 447 -24.41 19.22 18.12
N VAL D 448 -25.46 19.36 17.30
CA VAL D 448 -26.83 19.39 17.78
C VAL D 448 -27.62 18.34 16.98
N ILE D 449 -28.29 17.45 17.70
CA ILE D 449 -29.08 16.39 17.08
C ILE D 449 -30.53 16.84 17.01
N ASN D 450 -31.15 16.68 15.84
CA ASN D 450 -32.51 17.14 15.62
C ASN D 450 -33.52 16.25 16.34
N GLU D 451 -34.69 16.82 16.59
CA GLU D 451 -35.79 16.08 17.19
C GLU D 451 -36.31 15.01 16.21
N ASN D 527 -19.66 7.04 30.71
CA ASN D 527 -19.02 5.98 29.95
C ASN D 527 -19.09 6.34 28.46
N PRO D 528 -17.95 6.45 27.76
CA PRO D 528 -18.01 6.71 26.32
C PRO D 528 -18.65 5.61 25.50
N HIS D 529 -18.66 4.37 26.01
CA HIS D 529 -19.37 3.28 25.34
C HIS D 529 -20.47 2.72 26.22
N ASN D 542 -12.27 -2.50 27.49
CA ASN D 542 -11.99 -2.38 26.07
C ASN D 542 -10.51 -2.63 25.77
N ALA D 543 -10.26 -3.31 24.65
CA ALA D 543 -8.91 -3.55 24.16
C ALA D 543 -8.75 -2.80 22.84
N ILE D 544 -7.84 -1.83 22.82
CA ILE D 544 -7.58 -1.03 21.63
C ILE D 544 -6.40 -1.67 20.93
N MET D 545 -6.68 -2.43 19.89
CA MET D 545 -5.64 -2.97 19.02
C MET D 545 -5.42 -2.08 17.82
N GLN D 546 -4.16 -1.91 17.45
CA GLN D 546 -3.79 -1.18 16.23
C GLN D 546 -3.08 -2.15 15.31
N PRO D 547 -3.75 -2.65 14.26
CA PRO D 547 -3.08 -3.55 13.32
C PRO D 547 -1.95 -2.85 12.59
N THR D 548 -0.89 -3.59 12.32
CA THR D 548 0.37 -3.02 11.88
C THR D 548 0.77 -3.57 10.51
N HIS D 549 1.44 -2.74 9.73
CA HIS D 549 1.97 -3.10 8.43
C HIS D 549 3.46 -2.74 8.39
N HIS D 550 4.26 -3.59 7.74
CA HIS D 550 5.71 -3.40 7.72
C HIS D 550 6.23 -3.59 6.30
N ALA D 551 7.34 -2.91 5.99
CA ALA D 551 8.00 -2.96 4.69
C ALA D 551 9.38 -2.34 4.82
N GLU D 552 10.40 -3.03 4.28
CA GLU D 552 11.79 -2.58 4.43
C GLU D 552 12.49 -2.75 3.09
N ILE D 553 13.04 -1.67 2.56
CA ILE D 553 13.68 -1.66 1.26
C ILE D 553 15.16 -2.02 1.40
N SER D 554 15.66 -2.85 0.48
CA SER D 554 17.07 -3.14 0.39
C SER D 554 17.57 -2.88 -1.03
N PHE D 555 18.76 -2.27 -1.13
CA PHE D 555 19.27 -1.73 -2.38
C PHE D 555 20.54 -2.41 -2.88
N GLN D 556 21.60 -2.45 -2.07
CA GLN D 556 22.96 -2.61 -2.60
C GLN D 556 23.89 -2.96 -1.45
N ASP D 557 24.68 -4.02 -1.63
CA ASP D 557 25.09 -4.91 -0.54
C ASP D 557 26.62 -5.01 -0.43
N ARG D 558 27.29 -3.86 -0.31
CA ARG D 558 28.72 -3.91 -0.01
C ARG D 558 29.00 -3.78 1.49
N ASP D 559 28.62 -2.66 2.10
CA ASP D 559 28.84 -2.44 3.52
C ASP D 559 27.71 -3.02 4.34
N THR D 560 28.07 -3.79 5.37
CA THR D 560 27.14 -4.68 6.06
C THR D 560 27.23 -4.55 7.58
N ALA D 561 27.26 -3.31 8.08
CA ALA D 561 27.32 -3.07 9.52
C ALA D 561 26.08 -3.58 10.25
N LEU D 562 24.91 -2.98 9.99
CA LEU D 562 23.66 -3.38 10.65
C LEU D 562 22.47 -3.04 9.77
N PRO D 563 21.41 -3.86 9.79
CA PRO D 563 20.15 -3.43 9.17
C PRO D 563 19.55 -2.25 9.91
N ASP D 564 18.78 -1.44 9.17
CA ASP D 564 18.45 -0.09 9.63
C ASP D 564 16.98 0.31 9.46
N ALA D 565 16.07 -0.63 9.24
CA ALA D 565 14.71 -0.16 8.96
C ALA D 565 13.67 -1.16 9.46
N CYS D 566 12.55 -0.60 9.93
CA CYS D 566 11.27 -1.28 10.13
C CYS D 566 10.18 -0.23 10.03
N SER D 567 8.93 -0.61 10.28
CA SER D 567 7.82 0.33 10.32
C SER D 567 6.65 -0.31 11.05
N SER D 568 5.68 0.54 11.40
CA SER D 568 4.44 0.08 12.03
C SER D 568 3.38 1.16 11.81
N ILE D 569 2.31 0.82 11.11
CA ILE D 569 1.29 1.78 10.69
C ILE D 569 -0.06 1.29 11.16
N SER D 570 -0.75 2.12 11.96
CA SER D 570 -2.05 1.77 12.50
C SER D 570 -3.16 2.12 11.52
N ASP D 571 -4.39 1.88 11.94
CA ASP D 571 -5.59 2.19 11.17
C ASP D 571 -6.16 3.53 11.58
N ILE D 572 -7.14 4.01 10.80
CA ILE D 572 -7.80 5.27 11.11
C ILE D 572 -8.67 5.15 12.35
N SER D 573 -9.12 3.93 12.68
CA SER D 573 -10.03 3.68 13.76
C SER D 573 -9.48 2.57 14.66
N PRO D 574 -9.77 2.61 15.96
CA PRO D 574 -9.26 1.55 16.84
C PRO D 574 -10.04 0.25 16.65
N VAL D 575 -9.30 -0.85 16.60
CA VAL D 575 -9.90 -2.18 16.64
C VAL D 575 -10.27 -2.44 18.09
N THR D 576 -11.56 -2.40 18.39
CA THR D 576 -12.06 -2.39 19.76
C THR D 576 -12.57 -3.77 20.13
N TYR D 577 -11.91 -4.41 21.09
CA TYR D 577 -12.39 -5.67 21.64
C TYR D 577 -13.06 -5.40 22.98
N HIS E 154 -28.72 -41.12 -5.69
CA HIS E 154 -27.31 -40.77 -5.68
C HIS E 154 -26.75 -40.76 -7.10
N HIS E 155 -25.99 -39.72 -7.41
CA HIS E 155 -25.29 -39.61 -8.68
C HIS E 155 -23.86 -39.15 -8.43
N ILE E 156 -22.98 -39.50 -9.35
CA ILE E 156 -21.57 -39.12 -9.31
C ILE E 156 -21.24 -38.38 -10.59
N LEU E 157 -20.63 -37.20 -10.47
CA LEU E 157 -20.22 -36.43 -11.62
C LEU E 157 -18.77 -36.68 -11.96
N GLY E 158 -18.46 -36.63 -13.26
CA GLY E 158 -17.12 -36.87 -13.72
C GLY E 158 -16.23 -35.65 -13.58
N ALA E 159 -14.99 -35.80 -14.04
CA ALA E 159 -14.01 -34.72 -14.00
C ALA E 159 -14.29 -33.71 -15.10
N CYS E 160 -13.62 -32.56 -15.01
CA CYS E 160 -13.76 -31.49 -15.98
C CYS E 160 -12.41 -30.81 -16.18
N HIS E 161 -12.32 -30.04 -17.24
CA HIS E 161 -11.07 -29.34 -17.57
C HIS E 161 -11.42 -28.12 -18.40
N SER E 162 -10.40 -27.53 -19.03
CA SER E 162 -10.59 -26.33 -19.83
C SER E 162 -10.07 -26.52 -21.24
N SER E 163 -10.02 -25.43 -21.99
CA SER E 163 -9.47 -25.40 -23.34
C SER E 163 -8.16 -24.63 -23.32
N TRP E 164 -7.09 -25.27 -23.80
CA TRP E 164 -5.82 -24.59 -23.97
C TRP E 164 -5.93 -23.58 -25.10
N GLN E 165 -5.63 -22.32 -24.80
CA GLN E 165 -5.93 -21.22 -25.72
C GLN E 165 -4.67 -20.40 -25.97
N ASP E 166 -4.82 -19.36 -26.79
CA ASP E 166 -3.72 -18.50 -27.18
C ASP E 166 -3.65 -17.28 -26.27
N ALA E 167 -2.43 -16.89 -25.92
CA ALA E 167 -2.23 -15.65 -25.20
C ALA E 167 -2.60 -14.47 -26.10
N PRO E 168 -3.19 -13.42 -25.54
CA PRO E 168 -3.67 -12.30 -26.37
C PRO E 168 -2.52 -11.48 -26.96
N ILE E 169 -2.84 -10.82 -28.07
CA ILE E 169 -1.90 -9.99 -28.82
C ILE E 169 -2.18 -8.53 -28.47
N GLN E 170 -1.13 -7.73 -28.34
CA GLN E 170 -1.26 -6.32 -27.95
C GLN E 170 -2.05 -5.54 -29.00
N GLY E 171 -3.17 -4.97 -28.58
CA GLY E 171 -4.06 -4.27 -29.49
C GLY E 171 -5.29 -5.02 -29.92
N THR E 172 -5.56 -6.18 -29.33
CA THR E 172 -6.68 -7.02 -29.72
C THR E 172 -7.85 -6.80 -28.78
N SER E 173 -9.02 -6.54 -29.35
CA SER E 173 -10.27 -6.45 -28.59
C SER E 173 -11.20 -7.55 -29.07
N GLN E 174 -11.55 -8.46 -28.16
CA GLN E 174 -12.31 -9.65 -28.51
C GLN E 174 -13.40 -9.90 -27.48
N MET E 175 -14.46 -10.57 -27.94
CA MET E 175 -15.75 -10.57 -27.28
C MET E 175 -15.99 -11.86 -26.50
N GLY E 176 -16.43 -11.70 -25.25
CA GLY E 176 -16.92 -12.81 -24.46
C GLY E 176 -18.44 -12.74 -24.27
N ALA E 177 -18.95 -13.73 -23.54
CA ALA E 177 -20.38 -13.88 -23.34
C ALA E 177 -20.93 -12.77 -22.45
N HIS E 178 -22.26 -12.61 -22.52
CA HIS E 178 -23.03 -11.57 -21.82
C HIS E 178 -22.57 -10.16 -22.19
N GLY E 179 -21.98 -9.99 -23.38
CA GLY E 179 -21.74 -8.68 -23.95
C GLY E 179 -20.57 -7.91 -23.38
N GLN E 180 -19.79 -8.48 -22.48
CA GLN E 180 -18.64 -7.80 -21.92
C GLN E 180 -17.44 -7.97 -22.85
N LEU E 181 -17.00 -6.86 -23.45
CA LEU E 181 -15.80 -6.85 -24.27
C LEU E 181 -14.57 -6.74 -23.39
N GLN E 182 -13.53 -7.47 -23.76
CA GLN E 182 -12.24 -7.41 -23.08
C GLN E 182 -11.15 -7.06 -24.08
N THR E 183 -10.31 -6.10 -23.74
CA THR E 183 -9.31 -5.60 -24.66
C THR E 183 -7.91 -5.72 -24.05
N PHE E 184 -6.94 -5.94 -24.91
CA PHE E 184 -5.53 -6.01 -24.52
C PHE E 184 -4.87 -4.78 -25.12
N PRO E 185 -4.81 -3.67 -24.40
CA PRO E 185 -4.64 -2.36 -25.04
C PRO E 185 -3.24 -2.13 -25.61
N ARG E 186 -3.19 -1.22 -26.58
CA ARG E 186 -1.95 -0.70 -27.12
C ARG E 186 -1.54 0.50 -26.26
N ASN E 187 -0.24 0.83 -26.23
CA ASN E 187 0.24 1.79 -25.25
C ASN E 187 -0.30 3.20 -25.51
N GLY E 188 -0.58 3.91 -24.41
CA GLY E 188 -1.20 5.21 -24.49
C GLY E 188 -2.71 5.20 -24.41
N TYR E 189 -3.30 4.21 -23.75
CA TYR E 189 -4.75 4.11 -23.65
C TYR E 189 -5.14 3.48 -22.31
N ASP E 190 -6.36 3.80 -21.88
CA ASP E 190 -6.92 3.33 -20.61
C ASP E 190 -7.70 2.03 -20.84
N TRP E 191 -8.58 1.70 -19.88
CA TRP E 191 -9.42 0.50 -19.94
C TRP E 191 -10.18 0.37 -21.27
N ASP E 192 -10.78 1.47 -21.74
CA ASP E 192 -11.59 1.43 -22.95
C ASP E 192 -10.75 1.35 -24.22
N ASN E 193 -9.43 1.52 -24.11
CA ASN E 193 -8.45 1.46 -25.21
C ASN E 193 -8.66 2.57 -26.24
N GLN E 194 -9.45 3.58 -25.94
CA GLN E 194 -9.65 4.71 -26.84
C GLN E 194 -9.45 6.06 -26.15
N THR E 195 -9.85 6.18 -24.88
CA THR E 195 -9.71 7.44 -24.17
C THR E 195 -8.23 7.73 -23.87
N PRO E 196 -7.83 9.01 -23.92
CA PRO E 196 -6.40 9.35 -23.83
C PRO E 196 -5.71 9.04 -22.51
N LEU E 197 -4.74 8.13 -22.57
CA LEU E 197 -3.75 7.91 -21.52
C LEU E 197 -2.39 8.02 -22.19
N GLU E 198 -1.31 8.01 -21.39
CA GLU E 198 0.01 8.26 -21.95
C GLU E 198 0.97 7.08 -21.81
N GLY E 199 1.08 6.47 -20.63
CA GLY E 199 2.22 5.60 -20.38
C GLY E 199 1.98 4.19 -19.89
N ALA E 200 0.94 3.51 -20.37
CA ALA E 200 0.70 2.13 -19.96
C ALA E 200 1.10 1.14 -21.04
N VAL E 201 1.97 0.20 -20.69
CA VAL E 201 2.33 -0.91 -21.56
C VAL E 201 1.64 -2.14 -20.97
N TYR E 202 1.40 -3.16 -21.79
CA TYR E 202 0.41 -4.18 -21.46
C TYR E 202 0.92 -5.61 -21.65
N THR E 203 0.66 -6.44 -20.63
CA THR E 203 0.97 -7.88 -20.57
C THR E 203 0.14 -8.49 -19.46
N LEU E 204 -0.44 -9.66 -19.70
CA LEU E 204 -1.42 -10.25 -18.78
C LEU E 204 -0.72 -10.92 -17.60
N VAL E 205 -1.52 -11.65 -16.79
CA VAL E 205 -1.01 -12.30 -15.58
C VAL E 205 -1.96 -13.42 -15.18
N ASP E 206 -1.38 -14.55 -14.71
CA ASP E 206 -2.11 -15.68 -14.14
C ASP E 206 -2.51 -15.40 -12.69
N PRO E 207 -3.42 -16.21 -12.11
CA PRO E 207 -3.77 -16.01 -10.69
C PRO E 207 -2.63 -16.16 -9.70
N PHE E 208 -1.71 -17.10 -9.90
CA PHE E 208 -0.75 -17.45 -8.86
C PHE E 208 0.65 -16.95 -9.18
N GLY E 209 0.75 -15.75 -9.75
CA GLY E 209 2.02 -15.10 -9.94
C GLY E 209 2.94 -15.74 -10.96
N ARG E 210 2.40 -16.56 -11.85
CA ARG E 210 3.18 -17.21 -12.90
C ARG E 210 2.77 -16.64 -14.24
N PRO E 211 3.38 -15.55 -14.70
CA PRO E 211 2.85 -14.83 -15.86
C PRO E 211 2.99 -15.62 -17.16
N ILE E 212 2.32 -15.11 -18.19
CA ILE E 212 2.16 -15.79 -19.47
C ILE E 212 2.84 -14.96 -20.55
N VAL E 213 3.71 -15.61 -21.31
CA VAL E 213 4.34 -14.97 -22.48
C VAL E 213 3.25 -14.65 -23.51
N PRO E 214 3.16 -13.41 -24.00
CA PRO E 214 2.11 -13.09 -24.97
C PRO E 214 2.34 -13.76 -26.32
N GLY E 215 1.23 -14.07 -26.99
CA GLY E 215 1.30 -14.80 -28.24
C GLY E 215 1.67 -16.26 -28.12
N THR E 216 1.30 -16.90 -27.01
CA THR E 216 1.66 -18.29 -26.76
C THR E 216 0.42 -19.18 -26.86
N LYS E 217 0.47 -20.18 -27.73
CA LYS E 217 -0.57 -21.20 -27.80
C LYS E 217 -0.46 -22.13 -26.59
N ASN E 218 -1.62 -22.52 -26.06
CA ASN E 218 -1.76 -23.47 -24.94
C ASN E 218 -1.02 -22.95 -23.71
N ALA E 219 -1.53 -21.84 -23.17
CA ALA E 219 -0.88 -21.16 -22.08
C ALA E 219 -1.68 -21.11 -20.78
N TYR E 220 -2.99 -21.33 -20.80
CA TYR E 220 -3.78 -21.26 -19.58
C TYR E 220 -5.00 -22.14 -19.68
N ARG E 221 -5.45 -22.63 -18.52
CA ARG E 221 -6.70 -23.36 -18.40
C ARG E 221 -7.65 -22.55 -17.53
N ASN E 222 -8.79 -22.17 -18.11
CA ASN E 222 -9.82 -21.46 -17.36
C ASN E 222 -10.40 -22.38 -16.29
N LEU E 223 -10.47 -21.90 -15.06
CA LEU E 223 -10.82 -22.75 -13.94
C LEU E 223 -12.32 -23.04 -13.96
N VAL E 224 -12.75 -23.94 -13.09
CA VAL E 224 -14.11 -24.47 -13.10
C VAL E 224 -14.73 -24.29 -11.73
N TYR E 225 -16.00 -23.88 -11.72
CA TYR E 225 -16.81 -23.85 -10.51
C TYR E 225 -18.27 -23.95 -10.89
N TYR E 226 -19.02 -24.72 -10.09
CA TYR E 226 -20.43 -24.99 -10.36
C TYR E 226 -21.30 -23.98 -9.60
N CYS E 227 -22.59 -24.25 -9.54
CA CYS E 227 -23.50 -23.46 -8.71
C CYS E 227 -23.27 -23.78 -7.24
N GLU E 228 -23.62 -22.83 -6.37
CA GLU E 228 -23.63 -23.15 -4.96
C GLU E 228 -24.76 -24.14 -4.68
N TYR E 229 -24.46 -25.12 -3.83
CA TYR E 229 -25.27 -26.32 -3.67
C TYR E 229 -25.58 -26.95 -5.03
N PRO E 230 -24.55 -27.44 -5.74
CA PRO E 230 -24.78 -27.93 -7.12
C PRO E 230 -25.67 -29.16 -7.20
N GLY E 231 -25.78 -29.94 -6.13
CA GLY E 231 -26.73 -31.04 -6.11
C GLY E 231 -28.17 -30.59 -6.11
N GLU E 232 -28.45 -29.44 -5.52
CA GLU E 232 -29.81 -28.92 -5.50
C GLU E 232 -30.21 -28.28 -6.83
N ARG E 233 -29.27 -28.07 -7.74
CA ARG E 233 -29.57 -27.73 -9.13
C ARG E 233 -29.32 -28.90 -10.07
N LEU E 234 -28.82 -30.02 -9.54
CA LEU E 234 -28.67 -31.22 -10.36
C LEU E 234 -30.03 -31.77 -10.80
N TYR E 235 -30.98 -31.85 -9.87
CA TYR E 235 -32.33 -32.31 -10.17
C TYR E 235 -33.19 -31.12 -10.61
N GLU E 236 -33.64 -31.15 -11.86
CA GLU E 236 -34.56 -30.12 -12.34
C GLU E 236 -36.00 -30.43 -11.95
N GLY E 276 -22.45 -31.38 -1.66
CA GLY E 276 -21.18 -30.90 -2.18
C GLY E 276 -20.95 -29.42 -1.94
N GLN E 277 -21.36 -28.91 -0.79
CA GLN E 277 -21.23 -27.49 -0.47
C GLN E 277 -20.05 -27.33 0.48
N GLU E 278 -19.12 -26.45 0.11
CA GLU E 278 -17.87 -26.30 0.84
C GLU E 278 -18.08 -25.50 2.12
N VAL E 279 -17.20 -25.74 3.10
CA VAL E 279 -17.32 -25.12 4.41
C VAL E 279 -16.03 -24.39 4.74
N SER E 280 -16.12 -23.50 5.72
CA SER E 280 -14.95 -22.77 6.20
C SER E 280 -14.20 -23.60 7.22
N VAL E 281 -12.89 -23.39 7.27
CA VAL E 281 -12.01 -24.08 8.20
C VAL E 281 -11.41 -23.04 9.14
N GLU E 282 -11.62 -23.24 10.44
CA GLU E 282 -11.09 -22.32 11.43
C GLU E 282 -9.59 -22.52 11.60
N GLY E 283 -8.88 -21.42 11.89
CA GLY E 283 -7.46 -21.47 12.10
C GLY E 283 -7.03 -20.50 13.19
N THR E 284 -5.77 -20.62 13.59
CA THR E 284 -5.18 -19.77 14.61
C THR E 284 -3.85 -19.23 14.09
N SER E 285 -3.50 -18.03 14.55
CA SER E 285 -2.32 -17.31 14.10
C SER E 285 -1.24 -17.31 15.18
N GLY E 286 -0.18 -16.55 14.93
CA GLY E 286 0.91 -16.45 15.87
C GLY E 286 0.62 -15.51 17.02
N PRO E 287 1.56 -15.41 17.94
CA PRO E 287 1.40 -14.54 19.11
C PRO E 287 1.47 -13.06 18.76
N LEU E 288 0.88 -12.24 19.62
CA LEU E 288 0.76 -10.80 19.40
C LEU E 288 0.53 -10.09 20.73
N LEU E 289 0.88 -8.81 20.75
CA LEU E 289 0.72 -7.95 21.93
C LEU E 289 -0.55 -7.12 21.84
N CYS E 290 -0.97 -6.58 22.98
CA CYS E 290 -2.16 -5.73 23.06
C CYS E 290 -1.94 -4.67 24.13
N ASN E 291 -2.96 -3.84 24.32
CA ASN E 291 -3.00 -2.85 25.39
C ASN E 291 -4.45 -2.60 25.76
N ILE E 292 -4.73 -2.49 27.06
CA ILE E 292 -6.09 -2.48 27.58
C ILE E 292 -6.27 -1.26 28.47
N HIS E 293 -7.33 -0.49 28.23
CA HIS E 293 -7.73 0.62 29.08
C HIS E 293 -8.97 0.23 29.88
N ASP E 294 -9.29 1.06 30.86
CA ASP E 294 -10.43 0.81 31.73
C ASP E 294 -10.92 2.12 32.33
N LEU E 295 -12.16 2.11 32.81
CA LEU E 295 -12.74 3.28 33.45
C LEU E 295 -12.85 3.02 34.95
N TYR E 350 -3.26 -2.18 31.28
CA TYR E 350 -3.11 -3.64 31.39
C TYR E 350 -2.69 -4.24 30.07
N LEU E 351 -1.99 -5.38 30.14
CA LEU E 351 -1.52 -6.09 28.96
C LEU E 351 -2.06 -7.52 28.98
N ASP E 352 -2.54 -7.97 27.82
CA ASP E 352 -3.10 -9.30 27.67
C ASP E 352 -2.76 -9.81 26.28
N ILE E 353 -2.80 -11.13 26.10
CA ILE E 353 -2.31 -11.77 24.89
C ILE E 353 -3.46 -12.57 24.28
N ARG E 354 -3.69 -12.40 22.98
CA ARG E 354 -4.71 -13.16 22.26
C ARG E 354 -4.14 -13.56 20.90
N ARG E 355 -5.03 -14.07 20.04
CA ARG E 355 -4.63 -14.57 18.73
C ARG E 355 -5.64 -14.10 17.68
N ASN E 356 -5.18 -14.03 16.44
CA ASN E 356 -6.01 -13.68 15.30
C ASN E 356 -6.50 -14.94 14.59
N VAL E 357 -7.61 -14.79 13.86
CA VAL E 357 -8.30 -15.92 13.23
C VAL E 357 -8.69 -15.53 11.81
N HIS E 358 -8.37 -16.40 10.85
CA HIS E 358 -8.85 -16.29 9.48
C HIS E 358 -9.51 -17.61 9.07
N TYR E 359 -10.42 -17.53 8.11
CA TYR E 359 -11.13 -18.68 7.57
C TYR E 359 -10.68 -18.99 6.15
N SER E 360 -10.73 -20.27 5.80
CA SER E 360 -10.32 -20.74 4.48
C SER E 360 -11.33 -21.75 3.95
N CYS E 361 -11.48 -21.78 2.62
CA CYS E 361 -12.30 -22.76 1.93
C CYS E 361 -11.50 -23.35 0.78
N ASN E 362 -11.62 -24.67 0.58
CA ASN E 362 -10.86 -25.36 -0.46
C ASN E 362 -11.70 -26.42 -1.17
N GLY E 363 -13.02 -26.23 -1.23
CA GLY E 363 -13.90 -27.26 -1.72
C GLY E 363 -14.19 -27.21 -3.21
N PRO E 364 -15.23 -27.91 -3.64
CA PRO E 364 -15.59 -27.92 -5.07
C PRO E 364 -15.95 -26.57 -5.64
N GLN E 365 -16.60 -25.71 -4.85
CA GLN E 365 -16.97 -24.38 -5.35
C GLN E 365 -15.78 -23.43 -5.45
N THR E 366 -14.64 -23.75 -4.83
CA THR E 366 -13.41 -23.06 -5.16
C THR E 366 -13.01 -23.40 -6.60
N PRO E 367 -12.60 -22.41 -7.40
CA PRO E 367 -12.10 -22.71 -8.75
C PRO E 367 -10.76 -23.43 -8.67
N LYS E 368 -10.64 -24.51 -9.46
CA LYS E 368 -9.42 -25.31 -9.51
C LYS E 368 -9.08 -25.60 -10.96
N TYR E 369 -7.93 -26.23 -11.19
CA TYR E 369 -7.56 -26.62 -12.55
C TYR E 369 -8.26 -27.90 -12.98
N TYR E 370 -8.00 -29.00 -12.29
CA TYR E 370 -8.48 -30.32 -12.69
C TYR E 370 -9.36 -30.84 -11.55
N GLN E 371 -10.65 -30.57 -11.67
CA GLN E 371 -11.59 -30.91 -10.60
C GLN E 371 -11.72 -32.43 -10.45
N PRO E 372 -11.68 -32.96 -9.24
CA PRO E 372 -11.91 -34.39 -9.04
C PRO E 372 -13.38 -34.72 -9.18
N PRO E 373 -13.74 -36.00 -9.33
CA PRO E 373 -15.16 -36.38 -9.38
C PRO E 373 -15.88 -36.06 -8.08
N LEU E 374 -17.16 -35.74 -8.21
CA LEU E 374 -17.98 -35.26 -7.11
C LEU E 374 -19.02 -36.31 -6.72
N ALA E 375 -19.19 -36.52 -5.41
CA ALA E 375 -20.21 -37.40 -4.88
C ALA E 375 -21.36 -36.55 -4.35
N LEU E 408 -32.94 -34.42 -15.69
CA LEU E 408 -31.78 -33.76 -15.10
C LEU E 408 -31.52 -32.42 -15.80
N ALA E 409 -30.65 -31.62 -15.17
CA ALA E 409 -30.36 -30.29 -15.67
C ALA E 409 -29.49 -30.35 -16.93
N SER E 410 -29.46 -29.23 -17.65
CA SER E 410 -28.72 -29.13 -18.89
C SER E 410 -27.25 -28.85 -18.61
N GLN E 411 -26.49 -28.63 -19.69
CA GLN E 411 -25.04 -28.42 -19.56
C GLN E 411 -24.74 -27.01 -19.05
N LYS E 412 -25.18 -25.99 -19.79
CA LYS E 412 -24.79 -24.61 -19.51
C LYS E 412 -25.42 -24.06 -18.24
N ASP E 413 -26.39 -24.74 -17.66
CA ASP E 413 -26.97 -24.33 -16.38
C ASP E 413 -26.18 -24.83 -15.18
N LEU E 414 -25.12 -25.60 -15.40
CA LEU E 414 -24.34 -26.16 -14.30
C LEU E 414 -22.84 -25.91 -14.39
N VAL E 415 -22.30 -25.55 -15.56
CA VAL E 415 -20.88 -25.31 -15.71
C VAL E 415 -20.64 -23.83 -15.96
N ASN E 416 -19.46 -23.37 -15.57
CA ASN E 416 -19.06 -21.98 -15.76
C ASN E 416 -17.73 -21.91 -16.48
N GLU E 417 -17.33 -20.67 -16.75
CA GLU E 417 -15.98 -20.32 -17.16
C GLU E 417 -15.59 -19.10 -16.33
N PHE E 418 -15.08 -19.32 -15.13
CA PHE E 418 -14.43 -18.24 -14.43
C PHE E 418 -13.11 -17.97 -15.12
N PRO E 419 -12.82 -16.73 -15.53
CA PRO E 419 -11.59 -16.48 -16.29
C PRO E 419 -10.35 -16.80 -15.48
N GLY E 420 -9.42 -17.52 -16.11
CA GLY E 420 -8.21 -17.96 -15.47
C GLY E 420 -7.03 -17.09 -15.86
N LEU E 421 -7.32 -15.87 -16.26
CA LEU E 421 -6.31 -14.91 -16.65
C LEU E 421 -6.81 -13.53 -16.27
N PHE E 422 -5.98 -12.78 -15.55
CA PHE E 422 -6.35 -11.44 -15.11
C PHE E 422 -5.47 -10.42 -15.82
N VAL E 423 -5.96 -9.19 -15.83
CA VAL E 423 -5.24 -8.06 -16.42
C VAL E 423 -4.79 -7.16 -15.28
N ARG E 424 -3.75 -6.37 -15.53
CA ARG E 424 -3.04 -5.67 -14.47
C ARG E 424 -2.56 -4.35 -15.02
N GLN E 425 -3.02 -3.24 -14.44
CA GLN E 425 -2.91 -1.91 -15.05
C GLN E 425 -1.86 -1.05 -14.37
N SER E 426 -1.28 -0.15 -15.17
CA SER E 426 -0.15 0.69 -14.79
C SER E 426 -0.46 2.11 -15.25
N ARG E 427 -0.68 3.02 -14.30
CA ARG E 427 -0.98 4.40 -14.66
C ARG E 427 0.26 5.27 -14.58
N PHE E 428 0.72 5.74 -15.74
CA PHE E 428 1.87 6.63 -15.87
C PHE E 428 1.36 7.90 -16.56
N ILE E 429 0.85 8.84 -15.76
CA ILE E 429 0.20 10.05 -16.23
C ILE E 429 0.91 11.25 -15.62
N ALA E 430 1.20 12.25 -16.45
CA ALA E 430 1.87 13.44 -15.97
C ALA E 430 0.93 14.30 -15.14
N GLY E 431 1.50 15.29 -14.47
CA GLY E 431 0.78 16.06 -13.48
C GLY E 431 1.49 15.96 -12.14
N ARG E 432 0.78 15.49 -11.10
CA ARG E 432 1.38 15.24 -9.80
C ARG E 432 0.55 14.27 -8.95
N PRO E 433 1.06 13.07 -8.61
CA PRO E 433 2.26 12.40 -9.08
C PRO E 433 1.96 11.24 -10.00
N SER E 434 3.00 10.50 -10.36
CA SER E 434 2.79 9.13 -10.80
C SER E 434 2.32 8.29 -9.62
N ARG E 435 1.57 7.24 -9.93
CA ARG E 435 0.99 6.39 -8.89
C ARG E 435 1.29 4.94 -9.21
N ARG E 436 1.29 4.11 -8.16
CA ARG E 436 1.48 2.67 -8.27
C ARG E 436 0.16 2.01 -7.94
N ASN E 437 -0.71 1.91 -8.94
CA ASN E 437 -2.08 1.42 -8.78
C ASN E 437 -2.13 -0.02 -9.27
N ILE E 438 -2.00 -0.95 -8.33
CA ILE E 438 -2.01 -2.38 -8.64
C ILE E 438 -3.40 -2.92 -8.35
N ARG E 439 -4.18 -3.15 -9.41
CA ARG E 439 -5.49 -3.76 -9.32
C ARG E 439 -5.60 -4.88 -10.35
N PHE E 440 -6.64 -5.70 -10.19
CA PHE E 440 -6.84 -6.88 -11.04
C PHE E 440 -8.25 -6.86 -11.61
N LYS E 441 -8.42 -7.53 -12.75
CA LYS E 441 -9.71 -7.62 -13.42
C LYS E 441 -9.66 -8.82 -14.36
N PRO E 442 -10.72 -9.60 -14.48
CA PRO E 442 -10.66 -10.83 -15.28
C PRO E 442 -10.53 -10.58 -16.78
N TRP E 443 -10.38 -11.69 -17.51
CA TRP E 443 -10.25 -11.71 -18.97
C TRP E 443 -11.02 -12.93 -19.46
N PHE E 444 -12.26 -12.72 -19.89
CA PHE E 444 -13.18 -13.82 -20.18
C PHE E 444 -13.12 -14.21 -21.65
N ILE E 445 -12.92 -15.50 -21.91
CA ILE E 445 -12.97 -16.07 -23.25
C ILE E 445 -13.94 -17.26 -23.24
N PRO E 446 -14.79 -17.42 -24.26
CA PRO E 446 -15.59 -18.65 -24.36
C PRO E 446 -14.71 -19.87 -24.61
N GLY E 447 -15.19 -21.03 -24.15
CA GLY E 447 -14.44 -22.26 -24.30
C GLY E 447 -15.35 -23.47 -24.38
N VAL E 448 -14.78 -24.58 -24.82
CA VAL E 448 -15.51 -25.85 -24.92
C VAL E 448 -15.30 -26.63 -23.63
N ILE E 449 -16.40 -27.07 -23.03
CA ILE E 449 -16.37 -27.77 -21.75
C ILE E 449 -16.63 -29.24 -22.01
N ASN E 450 -15.78 -30.11 -21.43
CA ASN E 450 -15.91 -31.54 -21.62
C ASN E 450 -17.21 -32.06 -21.03
N GLU E 451 -17.80 -33.03 -21.72
CA GLU E 451 -19.02 -33.66 -21.25
C GLU E 451 -18.74 -34.53 -20.03
N ILE E 452 -19.79 -34.81 -19.28
CA ILE E 452 -19.70 -35.49 -18.00
C ILE E 452 -20.37 -36.85 -18.13
N SER E 453 -19.64 -37.91 -17.79
CA SER E 453 -20.15 -39.28 -17.82
C SER E 453 -20.66 -39.62 -16.43
N LEU E 454 -21.98 -39.70 -16.27
CA LEU E 454 -22.58 -40.13 -15.02
C LEU E 454 -22.28 -41.61 -14.80
N LEU E 517 -40.89 -15.84 -2.93
CA LEU E 517 -40.94 -15.00 -4.12
C LEU E 517 -39.54 -14.85 -4.69
N LYS E 518 -39.45 -14.89 -6.02
CA LYS E 518 -38.15 -14.90 -6.69
C LYS E 518 -38.23 -14.02 -7.95
N PRO E 519 -37.37 -13.01 -8.07
CA PRO E 519 -37.30 -12.28 -9.35
C PRO E 519 -36.82 -13.17 -10.48
N THR E 520 -37.41 -12.97 -11.66
CA THR E 520 -37.08 -13.78 -12.81
C THR E 520 -35.71 -13.44 -13.39
N TRP E 521 -35.25 -12.19 -13.22
CA TRP E 521 -33.93 -11.77 -13.67
C TRP E 521 -32.81 -12.53 -12.97
N ASN E 522 -33.06 -13.06 -11.77
CA ASN E 522 -32.06 -13.85 -11.09
C ASN E 522 -31.87 -15.23 -11.71
N ILE E 523 -32.96 -15.89 -12.10
CA ILE E 523 -32.90 -17.26 -12.60
C ILE E 523 -32.91 -17.30 -14.14
N SER E 524 -32.55 -16.19 -14.78
CA SER E 524 -32.46 -16.14 -16.24
C SER E 524 -31.07 -16.53 -16.70
N ASP E 525 -30.91 -16.71 -18.01
CA ASP E 525 -29.65 -17.12 -18.58
C ASP E 525 -28.62 -15.99 -18.62
N GLN E 526 -29.06 -14.73 -18.51
CA GLN E 526 -28.18 -13.58 -18.66
C GLN E 526 -27.72 -13.01 -17.33
N ASN E 527 -27.45 -13.84 -16.33
CA ASN E 527 -26.90 -13.37 -15.07
C ASN E 527 -25.62 -14.13 -14.77
N PRO E 528 -24.46 -13.46 -14.70
CA PRO E 528 -23.23 -14.17 -14.34
C PRO E 528 -23.24 -14.75 -12.94
N HIS E 529 -23.91 -14.09 -11.99
CA HIS E 529 -24.02 -14.58 -10.63
C HIS E 529 -25.20 -15.53 -10.45
N GLN E 530 -25.68 -16.15 -11.54
CA GLN E 530 -26.72 -17.17 -11.49
C GLN E 530 -26.39 -18.26 -10.50
N HIS E 531 -25.15 -18.73 -10.53
CA HIS E 531 -24.63 -19.80 -9.69
C HIS E 531 -24.47 -19.36 -8.24
N ARG E 532 -24.67 -18.07 -7.96
CA ARG E 532 -24.64 -17.52 -6.61
C ARG E 532 -26.02 -17.09 -6.10
N ASP E 533 -26.97 -16.81 -7.00
CA ASP E 533 -28.28 -16.35 -6.55
C ASP E 533 -29.44 -17.19 -7.10
N TRP E 534 -29.19 -18.45 -7.47
CA TRP E 534 -30.28 -19.29 -7.94
C TRP E 534 -31.30 -19.58 -6.85
N HIS E 535 -30.89 -19.59 -5.58
CA HIS E 535 -31.76 -20.00 -4.49
C HIS E 535 -32.01 -18.91 -3.44
N LYS E 536 -31.28 -17.81 -3.47
CA LYS E 536 -31.45 -16.76 -2.46
C LYS E 536 -32.72 -15.97 -2.73
N PHE E 537 -33.58 -15.87 -1.71
CA PHE E 537 -34.89 -15.22 -1.85
C PHE E 537 -34.72 -13.73 -1.61
N GLY E 538 -34.79 -12.95 -2.68
CA GLY E 538 -34.63 -11.51 -2.61
C GLY E 538 -33.67 -11.03 -3.67
N HIS E 539 -33.75 -9.73 -3.97
CA HIS E 539 -32.87 -9.14 -4.97
C HIS E 539 -31.45 -9.03 -4.44
N VAL E 540 -30.49 -9.18 -5.34
CA VAL E 540 -29.07 -9.18 -5.00
C VAL E 540 -28.40 -7.96 -5.62
N VAL E 541 -27.71 -7.19 -4.78
CA VAL E 541 -26.90 -6.07 -5.22
C VAL E 541 -25.47 -6.29 -4.75
N ASN E 542 -24.51 -5.91 -5.60
CA ASN E 542 -23.12 -6.26 -5.37
C ASN E 542 -22.39 -5.19 -4.57
N ALA E 543 -21.35 -5.62 -3.86
CA ALA E 543 -20.45 -4.74 -3.14
C ALA E 543 -19.02 -5.14 -3.46
N ILE E 544 -18.17 -4.15 -3.71
CA ILE E 544 -16.83 -4.37 -4.25
C ILE E 544 -15.82 -3.71 -3.32
N MET E 545 -14.87 -4.51 -2.82
CA MET E 545 -13.72 -4.00 -2.09
C MET E 545 -12.43 -4.28 -2.86
N GLN E 546 -11.48 -3.36 -2.73
CA GLN E 546 -10.09 -3.58 -3.10
C GLN E 546 -9.25 -3.24 -1.88
N PRO E 547 -9.08 -4.18 -0.95
CA PRO E 547 -8.27 -3.91 0.25
C PRO E 547 -6.82 -3.64 -0.13
N THR E 548 -6.24 -2.61 0.48
CA THR E 548 -4.91 -2.13 0.11
C THR E 548 -3.97 -2.29 1.29
N HIS E 549 -3.03 -3.22 1.18
CA HIS E 549 -1.94 -3.33 2.14
C HIS E 549 -0.90 -2.28 1.81
N HIS E 550 -0.90 -1.17 2.54
CA HIS E 550 0.01 -0.06 2.29
C HIS E 550 0.88 0.16 3.52
N ALA E 551 1.98 0.87 3.31
CA ALA E 551 2.92 1.10 4.40
C ALA E 551 3.63 2.43 4.19
N GLU E 552 4.15 2.96 5.29
CA GLU E 552 4.80 4.27 5.35
C GLU E 552 6.17 4.10 6.00
N ILE E 553 7.22 4.54 5.29
CA ILE E 553 8.59 4.23 5.69
C ILE E 553 9.52 5.44 5.59
N SER E 554 10.01 5.92 6.74
CA SER E 554 11.24 6.70 6.87
C SER E 554 11.30 8.02 6.09
N PHE E 555 12.14 8.09 5.06
CA PHE E 555 12.46 9.34 4.37
C PHE E 555 11.85 9.42 2.98
N GLN E 556 11.56 10.65 2.56
CA GLN E 556 10.96 10.97 1.27
C GLN E 556 11.59 12.23 0.67
N ASP E 557 10.98 12.82 -0.36
CA ASP E 557 11.61 13.92 -1.09
C ASP E 557 10.63 15.07 -1.24
N ARG E 558 10.96 16.10 -2.04
CA ARG E 558 10.21 17.34 -2.12
C ARG E 558 8.91 17.15 -2.92
N ASP E 559 8.15 18.25 -3.11
CA ASP E 559 6.73 18.45 -3.49
C ASP E 559 5.89 18.89 -2.30
N THR E 560 5.60 18.06 -1.32
CA THR E 560 5.32 18.66 -0.03
C THR E 560 6.41 18.37 0.98
N ALA E 561 7.58 17.95 0.49
CA ALA E 561 8.70 17.38 1.23
C ALA E 561 8.24 16.38 2.30
N LEU E 562 9.12 16.05 3.26
CA LEU E 562 8.78 15.43 4.55
C LEU E 562 7.90 14.18 4.31
N PRO E 563 6.65 13.99 4.88
CA PRO E 563 5.79 13.02 4.15
C PRO E 563 4.97 13.57 2.98
N ASP E 564 5.52 13.51 1.77
CA ASP E 564 4.70 13.63 0.56
C ASP E 564 4.24 12.25 0.09
N ALA E 565 3.11 11.81 0.66
CA ALA E 565 2.74 10.42 0.43
C ALA E 565 1.25 10.29 0.18
N CYS E 566 0.95 9.76 -1.02
CA CYS E 566 -0.29 9.06 -1.34
C CYS E 566 0.03 8.00 -2.39
N SER E 567 -0.19 6.74 -2.03
CA SER E 567 -0.11 5.61 -2.94
C SER E 567 -0.93 4.48 -2.33
N SER E 568 -1.50 3.65 -3.20
CA SER E 568 -2.35 2.54 -2.75
C SER E 568 -2.09 1.33 -3.62
N ILE E 569 -1.81 0.20 -2.99
CA ILE E 569 -1.51 -1.05 -3.66
C ILE E 569 -2.42 -2.14 -3.08
N SER E 570 -3.25 -2.73 -3.94
CA SER E 570 -4.32 -3.62 -3.50
C SER E 570 -3.87 -5.08 -3.62
N ASP E 571 -4.80 -6.00 -3.38
CA ASP E 571 -4.54 -7.43 -3.46
C ASP E 571 -4.58 -7.89 -4.91
N ILE E 572 -4.56 -9.21 -5.11
CA ILE E 572 -4.50 -9.78 -6.46
C ILE E 572 -5.88 -10.19 -6.97
N SER E 573 -6.95 -9.86 -6.27
CA SER E 573 -8.28 -10.27 -6.71
C SER E 573 -9.35 -9.37 -6.12
N PRO E 574 -10.27 -8.86 -6.95
CA PRO E 574 -11.43 -8.14 -6.41
C PRO E 574 -12.26 -9.05 -5.50
N VAL E 575 -12.73 -8.47 -4.40
CA VAL E 575 -13.49 -9.18 -3.39
C VAL E 575 -14.93 -8.72 -3.52
N THR E 576 -15.74 -9.48 -4.25
CA THR E 576 -17.10 -9.09 -4.58
C THR E 576 -18.08 -9.70 -3.57
N TYR E 577 -18.90 -8.79 -3.03
CA TYR E 577 -19.83 -9.22 -1.99
C TYR E 577 -21.27 -9.18 -2.52
N PRO E 578 -22.13 -10.12 -2.11
CA PRO E 578 -23.54 -10.05 -2.45
C PRO E 578 -24.34 -9.51 -1.25
N ILE E 579 -25.46 -8.82 -1.50
CA ILE E 579 -26.35 -8.23 -0.50
C ILE E 579 -27.79 -8.54 -0.90
N THR E 580 -28.53 -9.17 0.02
CA THR E 580 -29.91 -9.55 -0.24
C THR E 580 -30.84 -8.39 0.08
N LEU E 581 -31.54 -7.88 -0.93
CA LEU E 581 -32.54 -6.85 -0.67
C LEU E 581 -33.94 -7.44 -0.64
N PRO E 582 -34.81 -6.92 0.23
CA PRO E 582 -36.21 -7.38 0.22
C PRO E 582 -36.91 -6.99 -1.07
N ILE E 583 -37.84 -7.85 -1.51
CA ILE E 583 -38.57 -7.66 -2.75
C ILE E 583 -40.05 -7.46 -2.53
N ILE E 584 -40.53 -7.57 -1.29
CA ILE E 584 -41.95 -7.45 -0.95
C ILE E 584 -42.11 -6.29 0.00
#